data_183D
# 
_entry.id   183D 
# 
_audit_conform.dict_name       mmcif_pdbx.dic 
_audit_conform.dict_version    5.385 
_audit_conform.dict_location   http://mmcif.pdb.org/dictionaries/ascii/mmcif_pdbx.dic 
# 
loop_
_database_2.database_id 
_database_2.database_code 
_database_2.pdbx_database_accession 
_database_2.pdbx_DOI 
PDB   183D         pdb_0000183d 10.2210/pdb183d/pdb 
RCSB  BDJB57       ?            ?                   
WWPDB D_1000170185 ?            ?                   
# 
loop_
_pdbx_audit_revision_history.ordinal 
_pdbx_audit_revision_history.data_content_type 
_pdbx_audit_revision_history.major_revision 
_pdbx_audit_revision_history.minor_revision 
_pdbx_audit_revision_history.revision_date 
1 'Structure model' 1 0 1995-02-27 
2 'Structure model' 1 1 2008-05-22 
3 'Structure model' 1 2 2011-07-13 
4 'Structure model' 1 3 2024-02-07 
# 
_pdbx_audit_revision_details.ordinal             1 
_pdbx_audit_revision_details.revision_ordinal    1 
_pdbx_audit_revision_details.data_content_type   'Structure model' 
_pdbx_audit_revision_details.provider            repository 
_pdbx_audit_revision_details.type                'Initial release' 
_pdbx_audit_revision_details.description         ? 
_pdbx_audit_revision_details.details             ? 
# 
loop_
_pdbx_audit_revision_group.ordinal 
_pdbx_audit_revision_group.revision_ordinal 
_pdbx_audit_revision_group.data_content_type 
_pdbx_audit_revision_group.group 
1 2 'Structure model' 'Version format compliance' 
2 3 'Structure model' 'Version format compliance' 
3 4 'Structure model' 'Data collection'           
4 4 'Structure model' 'Database references'       
5 4 'Structure model' 'Derived calculations'      
# 
loop_
_pdbx_audit_revision_category.ordinal 
_pdbx_audit_revision_category.revision_ordinal 
_pdbx_audit_revision_category.data_content_type 
_pdbx_audit_revision_category.category 
1 4 'Structure model' chem_comp_atom 
2 4 'Structure model' chem_comp_bond 
3 4 'Structure model' database_2     
4 4 'Structure model' struct_conn    
# 
loop_
_pdbx_audit_revision_item.ordinal 
_pdbx_audit_revision_item.revision_ordinal 
_pdbx_audit_revision_item.data_content_type 
_pdbx_audit_revision_item.item 
1 4 'Structure model' '_database_2.pdbx_DOI'                
2 4 'Structure model' '_database_2.pdbx_database_accession' 
3 4 'Structure model' '_struct_conn.pdbx_leaving_atom_flag' 
# 
_pdbx_database_status.status_code                     REL 
_pdbx_database_status.entry_id                        183D 
_pdbx_database_status.recvd_initial_deposition_date   1994-08-01 
_pdbx_database_status.deposit_site                    BNL 
_pdbx_database_status.process_site                    NDB 
_pdbx_database_status.SG_entry                        . 
_pdbx_database_status.pdb_format_compatible           Y 
_pdbx_database_status.status_code_mr                  ? 
_pdbx_database_status.status_code_sf                  ? 
_pdbx_database_status.status_code_cs                  ? 
_pdbx_database_status.status_code_nmr_data            ? 
_pdbx_database_status.methods_development_category    ? 
# 
loop_
_audit_author.name 
_audit_author.pdbx_ordinal 
'Lipscomb, L.A.'    1 
'Peek, M.E.'        2 
'Morningstar, M.L.' 3 
'Verghis, S.M.'     4 
'Miller, E.M.'      5 
'Rich, A.'          6 
'Essigmann, J.M.'   7 
'Williams, L.D.'    8 
# 
_citation.id                        primary 
_citation.title                     'X-ray structure of a DNA decamer containing 7,8-dihydro-8-oxoguanine.' 
_citation.journal_abbrev            Proc.Natl.Acad.Sci.USA 
_citation.journal_volume            92 
_citation.page_first                719 
_citation.page_last                 723 
_citation.year                      1995 
_citation.journal_id_ASTM           PNASA6 
_citation.country                   US 
_citation.journal_id_ISSN           0027-8424 
_citation.journal_id_CSD            0040 
_citation.book_publisher            ? 
_citation.pdbx_database_id_PubMed   7846041 
_citation.pdbx_database_id_DOI      10.1073/pnas.92.3.719 
# 
loop_
_citation_author.citation_id 
_citation_author.name 
_citation_author.ordinal 
_citation_author.identifier_ORCID 
primary 'Lipscomb, L.A.'    1 ? 
primary 'Peek, M.E.'        2 ? 
primary 'Morningstar, M.L.' 3 ? 
primary 'Verghis, S.M.'     4 ? 
primary 'Miller, E.M.'      5 ? 
primary 'Rich, A.'          6 ? 
primary 'Essigmann, J.M.'   7 ? 
primary 'Williams, L.D.'    8 ? 
# 
loop_
_entity.id 
_entity.type 
_entity.src_method 
_entity.pdbx_description 
_entity.formula_weight 
_entity.pdbx_number_of_molecules 
_entity.pdbx_ec 
_entity.pdbx_mutation 
_entity.pdbx_fragment 
_entity.details 
1 polymer syn 
;DNA (5'-D(*CP*CP*AP*(8OG)P*CP*GP*CP*TP*GP*G)-3')
;
3061.992 1  ? ? ? ? 
2 water   nat water                                              18.015   42 ? ? ? ? 
# 
_entity_poly.entity_id                      1 
_entity_poly.type                           polydeoxyribonucleotide 
_entity_poly.nstd_linkage                   no 
_entity_poly.nstd_monomer                   yes 
_entity_poly.pdbx_seq_one_letter_code       '(DC)(DC)(DA)(8OG)(DC)(DG)(DC)(DT)(DG)(DG)' 
_entity_poly.pdbx_seq_one_letter_code_can   CCAGCGCTGG 
_entity_poly.pdbx_strand_id                 A 
_entity_poly.pdbx_target_identifier         ? 
# 
_pdbx_entity_nonpoly.entity_id   2 
_pdbx_entity_nonpoly.name        water 
_pdbx_entity_nonpoly.comp_id     HOH 
# 
loop_
_entity_poly_seq.entity_id 
_entity_poly_seq.num 
_entity_poly_seq.mon_id 
_entity_poly_seq.hetero 
1 1  DC  n 
1 2  DC  n 
1 3  DA  n 
1 4  8OG n 
1 5  DC  n 
1 6  DG  n 
1 7  DC  n 
1 8  DT  n 
1 9  DG  n 
1 10 DG  n 
# 
loop_
_chem_comp.id 
_chem_comp.type 
_chem_comp.mon_nstd_flag 
_chem_comp.name 
_chem_comp.pdbx_synonyms 
_chem_comp.formula 
_chem_comp.formula_weight 
8OG 'DNA linking' n "8-OXO-2'-DEOXY-GUANOSINE-5'-MONOPHOSPHATE" "8-OXO-7,8-DIHYDRO-2'-DEOXY-GUANOSINE-5'-MONOPHOSPHATE" 
'C10 H14 N5 O8 P' 363.221 
DA  'DNA linking' y "2'-DEOXYADENOSINE-5'-MONOPHOSPHATE"        ?                                                       
'C10 H14 N5 O6 P' 331.222 
DC  'DNA linking' y "2'-DEOXYCYTIDINE-5'-MONOPHOSPHATE"         ?                                                       
'C9 H14 N3 O7 P'  307.197 
DG  'DNA linking' y "2'-DEOXYGUANOSINE-5'-MONOPHOSPHATE"        ?                                                       
'C10 H14 N5 O7 P' 347.221 
DT  'DNA linking' y "THYMIDINE-5'-MONOPHOSPHATE"                ?                                                       
'C10 H15 N2 O8 P' 322.208 
HOH non-polymer   . WATER                                       ?                                                       'H2 O' 
18.015  
# 
loop_
_pdbx_poly_seq_scheme.asym_id 
_pdbx_poly_seq_scheme.entity_id 
_pdbx_poly_seq_scheme.seq_id 
_pdbx_poly_seq_scheme.mon_id 
_pdbx_poly_seq_scheme.ndb_seq_num 
_pdbx_poly_seq_scheme.pdb_seq_num 
_pdbx_poly_seq_scheme.auth_seq_num 
_pdbx_poly_seq_scheme.pdb_mon_id 
_pdbx_poly_seq_scheme.auth_mon_id 
_pdbx_poly_seq_scheme.pdb_strand_id 
_pdbx_poly_seq_scheme.pdb_ins_code 
_pdbx_poly_seq_scheme.hetero 
A 1 1  DC  1  1  1  DC  C  A . n 
A 1 2  DC  2  2  2  DC  C  A . n 
A 1 3  DA  3  3  3  DA  A  A . n 
A 1 4  8OG 4  4  4  8OG +G A . n 
A 1 5  DC  5  5  5  DC  C  A . n 
A 1 6  DG  6  6  6  DG  G  A . n 
A 1 7  DC  7  7  7  DC  C  A . n 
A 1 8  DT  8  8  8  DT  T  A . n 
A 1 9  DG  9  9  9  DG  G  A . n 
A 1 10 DG  10 10 10 DG  G  A . n 
# 
loop_
_pdbx_nonpoly_scheme.asym_id 
_pdbx_nonpoly_scheme.entity_id 
_pdbx_nonpoly_scheme.mon_id 
_pdbx_nonpoly_scheme.ndb_seq_num 
_pdbx_nonpoly_scheme.pdb_seq_num 
_pdbx_nonpoly_scheme.auth_seq_num 
_pdbx_nonpoly_scheme.pdb_mon_id 
_pdbx_nonpoly_scheme.auth_mon_id 
_pdbx_nonpoly_scheme.pdb_strand_id 
_pdbx_nonpoly_scheme.pdb_ins_code 
B 2 HOH 1  11 11 HOH HOH A . 
B 2 HOH 2  12 12 HOH HOH A . 
B 2 HOH 3  13 13 HOH HOH A . 
B 2 HOH 4  14 14 HOH HOH A . 
B 2 HOH 5  15 15 HOH HOH A . 
B 2 HOH 6  16 16 HOH HOH A . 
B 2 HOH 7  17 17 HOH HOH A . 
B 2 HOH 8  18 18 HOH HOH A . 
B 2 HOH 9  19 19 HOH HOH A . 
B 2 HOH 10 20 20 HOH HOH A . 
B 2 HOH 11 21 21 HOH HOH A . 
B 2 HOH 12 22 22 HOH HOH A . 
B 2 HOH 13 23 23 HOH HOH A . 
B 2 HOH 14 24 24 HOH HOH A . 
B 2 HOH 15 25 25 HOH HOH A . 
B 2 HOH 16 26 26 HOH HOH A . 
B 2 HOH 17 27 27 HOH HOH A . 
B 2 HOH 18 28 28 HOH HOH A . 
B 2 HOH 19 29 29 HOH HOH A . 
B 2 HOH 20 30 30 HOH HOH A . 
B 2 HOH 21 31 31 HOH HOH A . 
B 2 HOH 22 32 32 HOH HOH A . 
B 2 HOH 23 33 33 HOH HOH A . 
B 2 HOH 24 34 34 HOH HOH A . 
B 2 HOH 25 35 35 HOH HOH A . 
B 2 HOH 26 36 36 HOH HOH A . 
B 2 HOH 27 37 37 HOH HOH A . 
B 2 HOH 28 38 38 HOH HOH A . 
B 2 HOH 29 39 39 HOH HOH A . 
B 2 HOH 30 40 40 HOH HOH A . 
B 2 HOH 31 41 41 HOH HOH A . 
B 2 HOH 32 42 42 HOH HOH A . 
B 2 HOH 33 43 43 HOH HOH A . 
B 2 HOH 34 44 44 HOH HOH A . 
B 2 HOH 35 45 45 HOH HOH A . 
B 2 HOH 36 46 46 HOH HOH A . 
B 2 HOH 37 47 47 HOH HOH A . 
B 2 HOH 38 48 48 HOH HOH A . 
B 2 HOH 39 49 49 HOH HOH A . 
B 2 HOH 40 50 50 HOH HOH A . 
B 2 HOH 41 51 51 HOH HOH A . 
B 2 HOH 42 52 52 HOH HOH A . 
# 
_software.name             X-PLOR 
_software.classification   refinement 
_software.version          . 
_software.citation_id      ? 
_software.pdbx_ordinal     1 
# 
_cell.entry_id           183D 
_cell.length_a           32.270 
_cell.length_b           25.560 
_cell.length_c           34.710 
_cell.angle_alpha        90.00 
_cell.angle_beta         115.77 
_cell.angle_gamma        90.00 
_cell.Z_PDB              4 
_cell.pdbx_unique_axis   ? 
# 
_symmetry.entry_id                         183D 
_symmetry.space_group_name_H-M             'C 1 2 1' 
_symmetry.pdbx_full_space_group_name_H-M   ? 
_symmetry.cell_setting                     ? 
_symmetry.Int_Tables_number                5 
# 
_exptl.entry_id          183D 
_exptl.method            'X-RAY DIFFRACTION' 
_exptl.crystals_number   ? 
# 
_exptl_crystal.id                    1 
_exptl_crystal.density_meas          ? 
_exptl_crystal.density_Matthews      2.11 
_exptl_crystal.density_percent_sol   41.57 
_exptl_crystal.description           ? 
# 
_exptl_crystal_grow.crystal_id      1 
_exptl_crystal_grow.method          'VAPOR DIFFUSION, SITTING DROP' 
_exptl_crystal_grow.temp            277.00 
_exptl_crystal_grow.temp_details    ? 
_exptl_crystal_grow.pH              7.60 
_exptl_crystal_grow.pdbx_details    'pH 7.60, VAPOR DIFFUSION, SITTING DROP, temperature 277.00K' 
_exptl_crystal_grow.pdbx_pH_range   ? 
# 
loop_
_exptl_crystal_grow_comp.crystal_id 
_exptl_crystal_grow_comp.id 
_exptl_crystal_grow_comp.sol_id 
_exptl_crystal_grow_comp.name 
_exptl_crystal_grow_comp.volume 
_exptl_crystal_grow_comp.conc 
_exptl_crystal_grow_comp.details 
1 1 1 WATER                ? ? ? 
1 2 1 MPD                  ? ? ? 
1 3 1 BIS-TRIS-PROPANE_HCL ? ? ? 
1 4 1 MGCL2                ? ? ? 
1 5 2 WATER                ? ? ? 
1 6 2 MPD                  ? ? ? 
# 
_diffrn.id                     1 
_diffrn.ambient_temp           277.00 
_diffrn.ambient_temp_details   ? 
_diffrn.crystal_id             1 
# 
_diffrn_detector.diffrn_id              1 
_diffrn_detector.detector               'AREA DETECTOR' 
_diffrn_detector.type                   SDMS 
_diffrn_detector.pdbx_collection_date   ? 
_diffrn_detector.details                ? 
# 
_diffrn_radiation.diffrn_id                        1 
_diffrn_radiation.wavelength_id                    1 
_diffrn_radiation.pdbx_monochromatic_or_laue_m_l   ? 
_diffrn_radiation.monochromator                    ? 
_diffrn_radiation.pdbx_diffrn_protocol             ? 
_diffrn_radiation.pdbx_scattering_type             x-ray 
# 
_diffrn_radiation_wavelength.id           1 
_diffrn_radiation_wavelength.wavelength   . 
_diffrn_radiation_wavelength.wt           1.0 
# 
_diffrn_source.diffrn_id                   1 
_diffrn_source.source                      'ROTATING ANODE' 
_diffrn_source.type                        'RIGAKU RU200' 
_diffrn_source.pdbx_synchrotron_site       ? 
_diffrn_source.pdbx_synchrotron_beamline   ? 
_diffrn_source.pdbx_wavelength             ? 
_diffrn_source.pdbx_wavelength_list        ? 
# 
_reflns.entry_id                     183D 
_reflns.observed_criterion_sigma_I   2.000 
_reflns.observed_criterion_sigma_F   ? 
_reflns.d_resolution_low             ? 
_reflns.d_resolution_high            1.600 
_reflns.number_obs                   3290 
_reflns.number_all                   12930 
_reflns.percent_possible_obs         ? 
_reflns.pdbx_Rmerge_I_obs            ? 
_reflns.pdbx_Rsym_value              ? 
_reflns.pdbx_netI_over_sigmaI        ? 
_reflns.B_iso_Wilson_estimate        ? 
_reflns.pdbx_redundancy              ? 
_reflns.pdbx_diffrn_id               1 
_reflns.pdbx_ordinal                 1 
# 
_refine.entry_id                                 183D 
_refine.ls_number_reflns_obs                     3290 
_refine.ls_number_reflns_all                     ? 
_refine.pdbx_ls_sigma_I                          ? 
_refine.pdbx_ls_sigma_F                          2.000 
_refine.pdbx_data_cutoff_high_absF               ? 
_refine.pdbx_data_cutoff_low_absF                ? 
_refine.pdbx_data_cutoff_high_rms_absF           ? 
_refine.ls_d_res_low                             10.000 
_refine.ls_d_res_high                            1.600 
_refine.ls_percent_reflns_obs                    95.400 
_refine.ls_R_factor_obs                          0.234 
_refine.ls_R_factor_all                          ? 
_refine.ls_R_factor_R_work                       0.234 
_refine.ls_R_factor_R_free                       ? 
_refine.ls_R_factor_R_free_error                 ? 
_refine.ls_R_factor_R_free_error_details         ? 
_refine.ls_percent_reflns_R_free                 ? 
_refine.ls_number_reflns_R_free                  ? 
_refine.ls_number_parameters                     ? 
_refine.ls_number_restraints                     ? 
_refine.occupancy_min                            ? 
_refine.occupancy_max                            ? 
_refine.B_iso_mean                               ? 
_refine.aniso_B[1][1]                            ? 
_refine.aniso_B[2][2]                            ? 
_refine.aniso_B[3][3]                            ? 
_refine.aniso_B[1][2]                            ? 
_refine.aniso_B[1][3]                            ? 
_refine.aniso_B[2][3]                            ? 
_refine.solvent_model_details                    ? 
_refine.solvent_model_param_ksol                 ? 
_refine.solvent_model_param_bsol                 ? 
_refine.pdbx_ls_cross_valid_method               ? 
_refine.details                                  ? 
_refine.pdbx_starting_model                      ? 
_refine.pdbx_method_to_determine_struct          ? 
_refine.pdbx_isotropic_thermal_model             ? 
_refine.pdbx_stereochemistry_target_values       ? 
_refine.pdbx_stereochem_target_val_spec_case     ? 
_refine.pdbx_R_Free_selection_details            ? 
_refine.pdbx_overall_ESU_R                       ? 
_refine.pdbx_overall_ESU_R_Free                  ? 
_refine.overall_SU_ML                            ? 
_refine.overall_SU_B                             ? 
_refine.pdbx_refine_id                           'X-RAY DIFFRACTION' 
_refine.pdbx_diffrn_id                           1 
_refine.pdbx_TLS_residual_ADP_flag               ? 
_refine.correlation_coeff_Fo_to_Fc               ? 
_refine.correlation_coeff_Fo_to_Fc_free          ? 
_refine.pdbx_solvent_vdw_probe_radii             ? 
_refine.pdbx_solvent_ion_probe_radii             ? 
_refine.pdbx_solvent_shrinkage_radii             ? 
_refine.pdbx_overall_phase_error                 ? 
_refine.overall_SU_R_Cruickshank_DPI             ? 
_refine.pdbx_overall_SU_R_free_Cruickshank_DPI   ? 
_refine.pdbx_overall_SU_R_Blow_DPI               ? 
_refine.pdbx_overall_SU_R_free_Blow_DPI          ? 
# 
_refine_hist.pdbx_refine_id                   'X-RAY DIFFRACTION' 
_refine_hist.cycle_id                         LAST 
_refine_hist.pdbx_number_atoms_protein        0 
_refine_hist.pdbx_number_atoms_nucleic_acid   203 
_refine_hist.pdbx_number_atoms_ligand         1 
_refine_hist.number_atoms_solvent             42 
_refine_hist.number_atoms_total               246 
_refine_hist.d_res_high                       1.600 
_refine_hist.d_res_low                        10.000 
# 
loop_
_refine_ls_restr.type 
_refine_ls_restr.dev_ideal 
_refine_ls_restr.dev_ideal_target 
_refine_ls_restr.weight 
_refine_ls_restr.number 
_refine_ls_restr.pdbx_refine_id 
_refine_ls_restr.pdbx_restraint_function 
x_bond_d                0.020 ? ? ? 'X-RAY DIFFRACTION' ? 
x_bond_d_na             ?     ? ? ? 'X-RAY DIFFRACTION' ? 
x_bond_d_prot           ?     ? ? ? 'X-RAY DIFFRACTION' ? 
x_angle_d               ?     ? ? ? 'X-RAY DIFFRACTION' ? 
x_angle_d_na            ?     ? ? ? 'X-RAY DIFFRACTION' ? 
x_angle_d_prot          ?     ? ? ? 'X-RAY DIFFRACTION' ? 
x_angle_deg             3.60  ? ? ? 'X-RAY DIFFRACTION' ? 
x_angle_deg_na          ?     ? ? ? 'X-RAY DIFFRACTION' ? 
x_angle_deg_prot        ?     ? ? ? 'X-RAY DIFFRACTION' ? 
x_dihedral_angle_d      ?     ? ? ? 'X-RAY DIFFRACTION' ? 
x_dihedral_angle_d_na   ?     ? ? ? 'X-RAY DIFFRACTION' ? 
x_dihedral_angle_d_prot ?     ? ? ? 'X-RAY DIFFRACTION' ? 
x_improper_angle_d      ?     ? ? ? 'X-RAY DIFFRACTION' ? 
x_improper_angle_d_na   ?     ? ? ? 'X-RAY DIFFRACTION' ? 
x_improper_angle_d_prot ?     ? ? ? 'X-RAY DIFFRACTION' ? 
x_mcbond_it             ?     ? ? ? 'X-RAY DIFFRACTION' ? 
x_mcangle_it            ?     ? ? ? 'X-RAY DIFFRACTION' ? 
x_scbond_it             ?     ? ? ? 'X-RAY DIFFRACTION' ? 
x_scangle_it            ?     ? ? ? 'X-RAY DIFFRACTION' ? 
# 
_struct.entry_id                  183D 
_struct.title                     'X-RAY STRUCTURE OF A DNA DECAMER CONTAINING 7, 8-DIHYDRO-8-OXOGUANINE' 
_struct.pdbx_model_details        ? 
_struct.pdbx_CASP_flag            ? 
_struct.pdbx_model_type_details   ? 
# 
_struct_keywords.entry_id        183D 
_struct_keywords.pdbx_keywords   DNA 
_struct_keywords.text            'B-DNA, DOUBLE HELIX, MODIFIED, DNA' 
# 
loop_
_struct_asym.id 
_struct_asym.pdbx_blank_PDB_chainid_flag 
_struct_asym.pdbx_modified 
_struct_asym.entity_id 
_struct_asym.details 
A N N 1 ? 
B N N 2 ? 
# 
_struct_ref.id                         1 
_struct_ref.entity_id                  1 
_struct_ref.db_name                    PDB 
_struct_ref.db_code                    183D 
_struct_ref.pdbx_db_accession          183D 
_struct_ref.pdbx_db_isoform            ? 
_struct_ref.pdbx_seq_one_letter_code   ? 
_struct_ref.pdbx_align_begin           ? 
# 
_struct_ref_seq.align_id                      1 
_struct_ref_seq.ref_id                        1 
_struct_ref_seq.pdbx_PDB_id_code              183D 
_struct_ref_seq.pdbx_strand_id                A 
_struct_ref_seq.seq_align_beg                 1 
_struct_ref_seq.pdbx_seq_align_beg_ins_code   ? 
_struct_ref_seq.seq_align_end                 10 
_struct_ref_seq.pdbx_seq_align_end_ins_code   ? 
_struct_ref_seq.pdbx_db_accession             183D 
_struct_ref_seq.db_align_beg                  1 
_struct_ref_seq.pdbx_db_align_beg_ins_code    ? 
_struct_ref_seq.db_align_end                  10 
_struct_ref_seq.pdbx_db_align_end_ins_code    ? 
_struct_ref_seq.pdbx_auth_seq_align_beg       1 
_struct_ref_seq.pdbx_auth_seq_align_end       10 
# 
_pdbx_struct_assembly.id                   1 
_pdbx_struct_assembly.details              author_defined_assembly 
_pdbx_struct_assembly.method_details       ? 
_pdbx_struct_assembly.oligomeric_details   dimeric 
_pdbx_struct_assembly.oligomeric_count     2 
# 
_pdbx_struct_assembly_gen.assembly_id       1 
_pdbx_struct_assembly_gen.oper_expression   1,2 
_pdbx_struct_assembly_gen.asym_id_list      A,B 
# 
loop_
_pdbx_struct_oper_list.id 
_pdbx_struct_oper_list.type 
_pdbx_struct_oper_list.name 
_pdbx_struct_oper_list.symmetry_operation 
_pdbx_struct_oper_list.matrix[1][1] 
_pdbx_struct_oper_list.matrix[1][2] 
_pdbx_struct_oper_list.matrix[1][3] 
_pdbx_struct_oper_list.vector[1] 
_pdbx_struct_oper_list.matrix[2][1] 
_pdbx_struct_oper_list.matrix[2][2] 
_pdbx_struct_oper_list.matrix[2][3] 
_pdbx_struct_oper_list.vector[2] 
_pdbx_struct_oper_list.matrix[3][1] 
_pdbx_struct_oper_list.matrix[3][2] 
_pdbx_struct_oper_list.matrix[3][3] 
_pdbx_struct_oper_list.vector[3] 
1 'identity operation'         1_555 x,y,z   1.0000000000  0.0000000000  0.0000000000 0.0000000000  0.0000000000  1.0000000000 0.0000000000  0.0000000000 0.0000000000 0.0000000000  1.0000000000  0.0000000000 
2 'crystal symmetry operation' 2_555 -x,y,-z -0.9943673436 -0.1057130799 0.0076374612 -0.2157282883 -0.1057130799 0.9840115169 -0.1433390366 0.0186762116 0.0076374612 -0.1433390366 -0.9896441733 0.4176051553 
# 
_struct_biol.id   1 
# 
loop_
_struct_conn.id 
_struct_conn.conn_type_id 
_struct_conn.pdbx_leaving_atom_flag 
_struct_conn.pdbx_PDB_id 
_struct_conn.ptnr1_label_asym_id 
_struct_conn.ptnr1_label_comp_id 
_struct_conn.ptnr1_label_seq_id 
_struct_conn.ptnr1_label_atom_id 
_struct_conn.pdbx_ptnr1_label_alt_id 
_struct_conn.pdbx_ptnr1_PDB_ins_code 
_struct_conn.pdbx_ptnr1_standard_comp_id 
_struct_conn.ptnr1_symmetry 
_struct_conn.ptnr2_label_asym_id 
_struct_conn.ptnr2_label_comp_id 
_struct_conn.ptnr2_label_seq_id 
_struct_conn.ptnr2_label_atom_id 
_struct_conn.pdbx_ptnr2_label_alt_id 
_struct_conn.pdbx_ptnr2_PDB_ins_code 
_struct_conn.ptnr1_auth_asym_id 
_struct_conn.ptnr1_auth_comp_id 
_struct_conn.ptnr1_auth_seq_id 
_struct_conn.ptnr2_auth_asym_id 
_struct_conn.ptnr2_auth_comp_id 
_struct_conn.ptnr2_auth_seq_id 
_struct_conn.ptnr2_symmetry 
_struct_conn.pdbx_ptnr3_label_atom_id 
_struct_conn.pdbx_ptnr3_label_seq_id 
_struct_conn.pdbx_ptnr3_label_comp_id 
_struct_conn.pdbx_ptnr3_label_asym_id 
_struct_conn.pdbx_ptnr3_label_alt_id 
_struct_conn.pdbx_ptnr3_PDB_ins_code 
_struct_conn.details 
_struct_conn.pdbx_dist_value 
_struct_conn.pdbx_value_order 
_struct_conn.pdbx_role 
covale1  covale both ? A DA  3  "O3'" ? ? ? 1_555 A 8OG 4  P  ? ? A DA  3  A 8OG 4  1_555 ? ? ? ? ? ? ?            1.625 ? ? 
covale2  covale both ? A 8OG 4  "O3'" ? ? ? 1_555 A DC  5  P  ? ? A 8OG 4  A DC  5  1_555 ? ? ? ? ? ? ?            1.572 ? ? 
hydrog1  hydrog ?    ? A DC  1  N3    ? ? ? 1_555 A DG  10 N1 ? ? A DC  1  A DG  10 2_555 ? ? ? ? ? ? WATSON-CRICK ?     ? ? 
hydrog2  hydrog ?    ? A DC  1  N4    ? ? ? 1_555 A DG  10 O6 ? ? A DC  1  A DG  10 2_555 ? ? ? ? ? ? WATSON-CRICK ?     ? ? 
hydrog3  hydrog ?    ? A DC  1  O2    ? ? ? 1_555 A DG  10 N2 ? ? A DC  1  A DG  10 2_555 ? ? ? ? ? ? WATSON-CRICK ?     ? ? 
hydrog4  hydrog ?    ? A DC  2  N3    ? ? ? 1_555 A DG  9  N1 ? ? A DC  2  A DG  9  2_555 ? ? ? ? ? ? WATSON-CRICK ?     ? ? 
hydrog5  hydrog ?    ? A DC  2  N4    ? ? ? 1_555 A DG  9  O6 ? ? A DC  2  A DG  9  2_555 ? ? ? ? ? ? WATSON-CRICK ?     ? ? 
hydrog6  hydrog ?    ? A DC  2  O2    ? ? ? 1_555 A DG  9  N2 ? ? A DC  2  A DG  9  2_555 ? ? ? ? ? ? WATSON-CRICK ?     ? ? 
hydrog7  hydrog ?    ? A DA  3  N1    ? ? ? 1_555 A DT  8  N3 ? ? A DA  3  A DT  8  2_555 ? ? ? ? ? ? WATSON-CRICK ?     ? ? 
hydrog8  hydrog ?    ? A DA  3  N6    ? ? ? 1_555 A DT  8  O4 ? ? A DA  3  A DT  8  2_555 ? ? ? ? ? ? WATSON-CRICK ?     ? ? 
hydrog9  hydrog ?    ? A 8OG 4  N1    ? ? ? 1_555 A DC  7  N3 ? ? A 8OG 4  A DC  7  2_555 ? ? ? ? ? ? WATSON-CRICK ?     ? ? 
hydrog10 hydrog ?    ? A 8OG 4  N2    ? ? ? 1_555 A DC  7  O2 ? ? A 8OG 4  A DC  7  2_555 ? ? ? ? ? ? WATSON-CRICK ?     ? ? 
hydrog11 hydrog ?    ? A 8OG 4  O6    ? ? ? 1_555 A DC  7  N4 ? ? A 8OG 4  A DC  7  2_555 ? ? ? ? ? ? WATSON-CRICK ?     ? ? 
hydrog12 hydrog ?    ? A DC  5  N3    ? ? ? 1_555 A DG  6  N1 ? ? A DC  5  A DG  6  2_555 ? ? ? ? ? ? WATSON-CRICK ?     ? ? 
hydrog13 hydrog ?    ? A DC  5  N4    ? ? ? 1_555 A DG  6  O6 ? ? A DC  5  A DG  6  2_555 ? ? ? ? ? ? WATSON-CRICK ?     ? ? 
hydrog14 hydrog ?    ? A DC  5  O2    ? ? ? 1_555 A DG  6  N2 ? ? A DC  5  A DG  6  2_555 ? ? ? ? ? ? WATSON-CRICK ?     ? ? 
hydrog15 hydrog ?    ? A DG  6  N1    ? ? ? 1_555 A DC  5  N3 ? ? A DG  6  A DC  5  2_555 ? ? ? ? ? ? WATSON-CRICK ?     ? ? 
hydrog16 hydrog ?    ? A DG  6  N2    ? ? ? 1_555 A DC  5  O2 ? ? A DG  6  A DC  5  2_555 ? ? ? ? ? ? WATSON-CRICK ?     ? ? 
hydrog17 hydrog ?    ? A DG  6  O6    ? ? ? 1_555 A DC  5  N4 ? ? A DG  6  A DC  5  2_555 ? ? ? ? ? ? WATSON-CRICK ?     ? ? 
hydrog18 hydrog ?    ? A DC  7  N3    ? ? ? 1_555 A 8OG 4  N1 ? ? A DC  7  A 8OG 4  2_555 ? ? ? ? ? ? WATSON-CRICK ?     ? ? 
hydrog19 hydrog ?    ? A DC  7  N4    ? ? ? 1_555 A 8OG 4  O6 ? ? A DC  7  A 8OG 4  2_555 ? ? ? ? ? ? WATSON-CRICK ?     ? ? 
hydrog20 hydrog ?    ? A DC  7  O2    ? ? ? 1_555 A 8OG 4  N2 ? ? A DC  7  A 8OG 4  2_555 ? ? ? ? ? ? WATSON-CRICK ?     ? ? 
hydrog21 hydrog ?    ? A DT  8  N3    ? ? ? 1_555 A DA  3  N1 ? ? A DT  8  A DA  3  2_555 ? ? ? ? ? ? WATSON-CRICK ?     ? ? 
hydrog22 hydrog ?    ? A DT  8  O4    ? ? ? 1_555 A DA  3  N6 ? ? A DT  8  A DA  3  2_555 ? ? ? ? ? ? WATSON-CRICK ?     ? ? 
hydrog23 hydrog ?    ? A DG  9  N1    ? ? ? 1_555 A DC  2  N3 ? ? A DG  9  A DC  2  2_555 ? ? ? ? ? ? WATSON-CRICK ?     ? ? 
hydrog24 hydrog ?    ? A DG  9  N2    ? ? ? 1_555 A DC  2  O2 ? ? A DG  9  A DC  2  2_555 ? ? ? ? ? ? WATSON-CRICK ?     ? ? 
hydrog25 hydrog ?    ? A DG  9  O6    ? ? ? 1_555 A DC  2  N4 ? ? A DG  9  A DC  2  2_555 ? ? ? ? ? ? WATSON-CRICK ?     ? ? 
hydrog26 hydrog ?    ? A DG  10 N1    ? ? ? 1_555 A DC  1  N3 ? ? A DG  10 A DC  1  2_555 ? ? ? ? ? ? WATSON-CRICK ?     ? ? 
hydrog27 hydrog ?    ? A DG  10 N2    ? ? ? 1_555 A DC  1  O2 ? ? A DG  10 A DC  1  2_555 ? ? ? ? ? ? WATSON-CRICK ?     ? ? 
hydrog28 hydrog ?    ? A DG  10 O6    ? ? ? 1_555 A DC  1  N4 ? ? A DG  10 A DC  1  2_555 ? ? ? ? ? ? WATSON-CRICK ?     ? ? 
# 
loop_
_struct_conn_type.id 
_struct_conn_type.criteria 
_struct_conn_type.reference 
covale ? ? 
hydrog ? ? 
# 
loop_
_pdbx_validate_rmsd_bond.id 
_pdbx_validate_rmsd_bond.PDB_model_num 
_pdbx_validate_rmsd_bond.auth_atom_id_1 
_pdbx_validate_rmsd_bond.auth_asym_id_1 
_pdbx_validate_rmsd_bond.auth_comp_id_1 
_pdbx_validate_rmsd_bond.auth_seq_id_1 
_pdbx_validate_rmsd_bond.PDB_ins_code_1 
_pdbx_validate_rmsd_bond.label_alt_id_1 
_pdbx_validate_rmsd_bond.auth_atom_id_2 
_pdbx_validate_rmsd_bond.auth_asym_id_2 
_pdbx_validate_rmsd_bond.auth_comp_id_2 
_pdbx_validate_rmsd_bond.auth_seq_id_2 
_pdbx_validate_rmsd_bond.PDB_ins_code_2 
_pdbx_validate_rmsd_bond.label_alt_id_2 
_pdbx_validate_rmsd_bond.bond_value 
_pdbx_validate_rmsd_bond.bond_target_value 
_pdbx_validate_rmsd_bond.bond_deviation 
_pdbx_validate_rmsd_bond.bond_standard_deviation 
_pdbx_validate_rmsd_bond.linker_flag 
1 1 "C5'" A DC 1 ? ? "C4'" A DC 1 ? ? 1.555 1.512 0.043 0.007 N 
2 1 "C5'" A DG 6 ? ? "C4'" A DG 6 ? ? 1.562 1.512 0.050 0.007 N 
# 
loop_
_pdbx_validate_rmsd_angle.id 
_pdbx_validate_rmsd_angle.PDB_model_num 
_pdbx_validate_rmsd_angle.auth_atom_id_1 
_pdbx_validate_rmsd_angle.auth_asym_id_1 
_pdbx_validate_rmsd_angle.auth_comp_id_1 
_pdbx_validate_rmsd_angle.auth_seq_id_1 
_pdbx_validate_rmsd_angle.PDB_ins_code_1 
_pdbx_validate_rmsd_angle.label_alt_id_1 
_pdbx_validate_rmsd_angle.auth_atom_id_2 
_pdbx_validate_rmsd_angle.auth_asym_id_2 
_pdbx_validate_rmsd_angle.auth_comp_id_2 
_pdbx_validate_rmsd_angle.auth_seq_id_2 
_pdbx_validate_rmsd_angle.PDB_ins_code_2 
_pdbx_validate_rmsd_angle.label_alt_id_2 
_pdbx_validate_rmsd_angle.auth_atom_id_3 
_pdbx_validate_rmsd_angle.auth_asym_id_3 
_pdbx_validate_rmsd_angle.auth_comp_id_3 
_pdbx_validate_rmsd_angle.auth_seq_id_3 
_pdbx_validate_rmsd_angle.PDB_ins_code_3 
_pdbx_validate_rmsd_angle.label_alt_id_3 
_pdbx_validate_rmsd_angle.angle_value 
_pdbx_validate_rmsd_angle.angle_target_value 
_pdbx_validate_rmsd_angle.angle_deviation 
_pdbx_validate_rmsd_angle.angle_standard_deviation 
_pdbx_validate_rmsd_angle.linker_flag 
1  1 "O4'" A DC  2 ? ? "C1'" A DC 2 ? ? N1    A DC 2 ? ? 112.66 108.30 4.36   0.30 N 
2  1 "O4'" A DA  3 ? ? "C1'" A DA 3 ? ? N9    A DA 3 ? ? 110.19 108.30 1.89   0.30 N 
3  1 "O3'" A 8OG 4 ? ? P     A DC 5 ? ? "O5'" A DC 5 ? ? 89.65  104.00 -14.35 1.90 Y 
4  1 P     A DC  5 ? ? "O5'" A DC 5 ? ? "C5'" A DC 5 ? ? 130.79 120.90 9.89   1.60 N 
5  1 N1    A DC  5 ? ? C2    A DC 5 ? ? O2    A DC 5 ? ? 123.71 118.90 4.81   0.60 N 
6  1 "C3'" A DC  5 ? ? "O3'" A DC 5 ? ? P     A DG 6 ? ? 129.17 119.70 9.47   1.20 Y 
7  1 "O4'" A DG  6 ? ? "C1'" A DG 6 ? ? N9    A DG 6 ? ? 114.32 108.30 6.02   0.30 N 
8  1 "O4'" A DC  7 ? ? "C1'" A DC 7 ? ? N1    A DC 7 ? ? 112.52 108.30 4.22   0.30 N 
9  1 N1    A DC  7 ? ? C2    A DC 7 ? ? O2    A DC 7 ? ? 123.30 118.90 4.40   0.60 N 
10 1 C5    A DT  8 ? ? C6    A DT 8 ? ? N1    A DT 8 ? ? 119.81 123.70 -3.89  0.60 N 
11 1 N3    A DT  8 ? ? C2    A DT 8 ? ? O2    A DT 8 ? ? 117.78 122.30 -4.52  0.60 N 
12 1 C6    A DT  8 ? ? C5    A DT 8 ? ? C7    A DT 8 ? ? 118.70 122.90 -4.20  0.60 N 
# 
_pdbx_validate_chiral.id              1 
_pdbx_validate_chiral.PDB_model_num   1 
_pdbx_validate_chiral.auth_atom_id    "C1'" 
_pdbx_validate_chiral.label_alt_id    ? 
_pdbx_validate_chiral.auth_asym_id    A 
_pdbx_validate_chiral.auth_comp_id    8OG 
_pdbx_validate_chiral.auth_seq_id     4 
_pdbx_validate_chiral.PDB_ins_code    ? 
_pdbx_validate_chiral.details         PLANAR 
_pdbx_validate_chiral.omega           . 
# 
loop_
_pdbx_validate_planes.id 
_pdbx_validate_planes.PDB_model_num 
_pdbx_validate_planes.auth_comp_id 
_pdbx_validate_planes.auth_asym_id 
_pdbx_validate_planes.auth_seq_id 
_pdbx_validate_planes.PDB_ins_code 
_pdbx_validate_planes.label_alt_id 
_pdbx_validate_planes.rmsd 
_pdbx_validate_planes.type 
1 1 DA A 3 ? ? 0.065 'SIDE CHAIN' 
2 1 DG A 6 ? ? 0.094 'SIDE CHAIN' 
3 1 DC A 7 ? ? 0.076 'SIDE CHAIN' 
# 
_pdbx_struct_mod_residue.id               1 
_pdbx_struct_mod_residue.label_asym_id    A 
_pdbx_struct_mod_residue.label_comp_id    8OG 
_pdbx_struct_mod_residue.label_seq_id     4 
_pdbx_struct_mod_residue.auth_asym_id     A 
_pdbx_struct_mod_residue.auth_comp_id     8OG 
_pdbx_struct_mod_residue.auth_seq_id      4 
_pdbx_struct_mod_residue.PDB_ins_code     ? 
_pdbx_struct_mod_residue.parent_comp_id   DG 
_pdbx_struct_mod_residue.details          ? 
# 
loop_
_refine_B_iso.class 
_refine_B_iso.details 
_refine_B_iso.treatment 
_refine_B_iso.pdbx_refine_id 
'ALL ATOMS'  ? ? 'X-RAY DIFFRACTION' 
'ALL WATERS' ? ? 'X-RAY DIFFRACTION' 
# 
loop_
_refine_occupancy.class 
_refine_occupancy.treatment 
_refine_occupancy.pdbx_refine_id 
'ALL ATOMS'  ? 'X-RAY DIFFRACTION' 
'ALL WATERS' ? 'X-RAY DIFFRACTION' 
# 
loop_
_chem_comp_atom.comp_id 
_chem_comp_atom.atom_id 
_chem_comp_atom.type_symbol 
_chem_comp_atom.pdbx_aromatic_flag 
_chem_comp_atom.pdbx_stereo_config 
_chem_comp_atom.pdbx_ordinal 
8OG OP3    O N N 1   
8OG P      P N N 2   
8OG OP1    O N N 3   
8OG OP2    O N N 4   
8OG "O5'"  O N N 5   
8OG "C5'"  C N N 6   
8OG "C4'"  C N R 7   
8OG "O4'"  O N N 8   
8OG "C3'"  C N S 9   
8OG "O3'"  O N N 10  
8OG "C2'"  C N N 11  
8OG "C1'"  C N R 12  
8OG N9     N N N 13  
8OG C8     C N N 14  
8OG N7     N N N 15  
8OG C5     C N N 16  
8OG C6     C N N 17  
8OG O6     O N N 18  
8OG N1     N N N 19  
8OG C2     C N N 20  
8OG N2     N N N 21  
8OG N3     N N N 22  
8OG C4     C N N 23  
8OG O8     O N N 24  
8OG HOP3   H N N 25  
8OG HOP2   H N N 26  
8OG "H5'"  H N N 27  
8OG "H5''" H N N 28  
8OG "H4'"  H N N 29  
8OG "H3'"  H N N 30  
8OG "HO3'" H N N 31  
8OG "H2'"  H N N 32  
8OG "H2''" H N N 33  
8OG "H1'"  H N N 34  
8OG H7     H N N 35  
8OG H1     H N N 36  
8OG H21    H N N 37  
8OG H22    H N N 38  
DA  OP3    O N N 39  
DA  P      P N N 40  
DA  OP1    O N N 41  
DA  OP2    O N N 42  
DA  "O5'"  O N N 43  
DA  "C5'"  C N N 44  
DA  "C4'"  C N R 45  
DA  "O4'"  O N N 46  
DA  "C3'"  C N S 47  
DA  "O3'"  O N N 48  
DA  "C2'"  C N N 49  
DA  "C1'"  C N R 50  
DA  N9     N Y N 51  
DA  C8     C Y N 52  
DA  N7     N Y N 53  
DA  C5     C Y N 54  
DA  C6     C Y N 55  
DA  N6     N N N 56  
DA  N1     N Y N 57  
DA  C2     C Y N 58  
DA  N3     N Y N 59  
DA  C4     C Y N 60  
DA  HOP3   H N N 61  
DA  HOP2   H N N 62  
DA  "H5'"  H N N 63  
DA  "H5''" H N N 64  
DA  "H4'"  H N N 65  
DA  "H3'"  H N N 66  
DA  "HO3'" H N N 67  
DA  "H2'"  H N N 68  
DA  "H2''" H N N 69  
DA  "H1'"  H N N 70  
DA  H8     H N N 71  
DA  H61    H N N 72  
DA  H62    H N N 73  
DA  H2     H N N 74  
DC  OP3    O N N 75  
DC  P      P N N 76  
DC  OP1    O N N 77  
DC  OP2    O N N 78  
DC  "O5'"  O N N 79  
DC  "C5'"  C N N 80  
DC  "C4'"  C N R 81  
DC  "O4'"  O N N 82  
DC  "C3'"  C N S 83  
DC  "O3'"  O N N 84  
DC  "C2'"  C N N 85  
DC  "C1'"  C N R 86  
DC  N1     N N N 87  
DC  C2     C N N 88  
DC  O2     O N N 89  
DC  N3     N N N 90  
DC  C4     C N N 91  
DC  N4     N N N 92  
DC  C5     C N N 93  
DC  C6     C N N 94  
DC  HOP3   H N N 95  
DC  HOP2   H N N 96  
DC  "H5'"  H N N 97  
DC  "H5''" H N N 98  
DC  "H4'"  H N N 99  
DC  "H3'"  H N N 100 
DC  "HO3'" H N N 101 
DC  "H2'"  H N N 102 
DC  "H2''" H N N 103 
DC  "H1'"  H N N 104 
DC  H41    H N N 105 
DC  H42    H N N 106 
DC  H5     H N N 107 
DC  H6     H N N 108 
DG  OP3    O N N 109 
DG  P      P N N 110 
DG  OP1    O N N 111 
DG  OP2    O N N 112 
DG  "O5'"  O N N 113 
DG  "C5'"  C N N 114 
DG  "C4'"  C N R 115 
DG  "O4'"  O N N 116 
DG  "C3'"  C N S 117 
DG  "O3'"  O N N 118 
DG  "C2'"  C N N 119 
DG  "C1'"  C N R 120 
DG  N9     N Y N 121 
DG  C8     C Y N 122 
DG  N7     N Y N 123 
DG  C5     C Y N 124 
DG  C6     C N N 125 
DG  O6     O N N 126 
DG  N1     N N N 127 
DG  C2     C N N 128 
DG  N2     N N N 129 
DG  N3     N N N 130 
DG  C4     C Y N 131 
DG  HOP3   H N N 132 
DG  HOP2   H N N 133 
DG  "H5'"  H N N 134 
DG  "H5''" H N N 135 
DG  "H4'"  H N N 136 
DG  "H3'"  H N N 137 
DG  "HO3'" H N N 138 
DG  "H2'"  H N N 139 
DG  "H2''" H N N 140 
DG  "H1'"  H N N 141 
DG  H8     H N N 142 
DG  H1     H N N 143 
DG  H21    H N N 144 
DG  H22    H N N 145 
DT  OP3    O N N 146 
DT  P      P N N 147 
DT  OP1    O N N 148 
DT  OP2    O N N 149 
DT  "O5'"  O N N 150 
DT  "C5'"  C N N 151 
DT  "C4'"  C N R 152 
DT  "O4'"  O N N 153 
DT  "C3'"  C N S 154 
DT  "O3'"  O N N 155 
DT  "C2'"  C N N 156 
DT  "C1'"  C N R 157 
DT  N1     N N N 158 
DT  C2     C N N 159 
DT  O2     O N N 160 
DT  N3     N N N 161 
DT  C4     C N N 162 
DT  O4     O N N 163 
DT  C5     C N N 164 
DT  C7     C N N 165 
DT  C6     C N N 166 
DT  HOP3   H N N 167 
DT  HOP2   H N N 168 
DT  "H5'"  H N N 169 
DT  "H5''" H N N 170 
DT  "H4'"  H N N 171 
DT  "H3'"  H N N 172 
DT  "HO3'" H N N 173 
DT  "H2'"  H N N 174 
DT  "H2''" H N N 175 
DT  "H1'"  H N N 176 
DT  H3     H N N 177 
DT  H71    H N N 178 
DT  H72    H N N 179 
DT  H73    H N N 180 
DT  H6     H N N 181 
HOH O      O N N 182 
HOH H1     H N N 183 
HOH H2     H N N 184 
# 
loop_
_chem_comp_bond.comp_id 
_chem_comp_bond.atom_id_1 
_chem_comp_bond.atom_id_2 
_chem_comp_bond.value_order 
_chem_comp_bond.pdbx_aromatic_flag 
_chem_comp_bond.pdbx_stereo_config 
_chem_comp_bond.pdbx_ordinal 
8OG OP3   P      sing N N 1   
8OG OP3   HOP3   sing N N 2   
8OG P     OP1    doub N N 3   
8OG P     OP2    sing N N 4   
8OG P     "O5'"  sing N N 5   
8OG OP2   HOP2   sing N N 6   
8OG "O5'" "C5'"  sing N N 7   
8OG "C5'" "C4'"  sing N N 8   
8OG "C5'" "H5'"  sing N N 9   
8OG "C5'" "H5''" sing N N 10  
8OG "C4'" "O4'"  sing N N 11  
8OG "C4'" "C3'"  sing N N 12  
8OG "C4'" "H4'"  sing N N 13  
8OG "O4'" "C1'"  sing N N 14  
8OG "C3'" "O3'"  sing N N 15  
8OG "C3'" "C2'"  sing N N 16  
8OG "C3'" "H3'"  sing N N 17  
8OG "O3'" "HO3'" sing N N 18  
8OG "C2'" "C1'"  sing N N 19  
8OG "C2'" "H2'"  sing N N 20  
8OG "C2'" "H2''" sing N N 21  
8OG "C1'" N9     sing N N 22  
8OG "C1'" "H1'"  sing N N 23  
8OG N9    C8     sing N N 24  
8OG N9    C4     sing N N 25  
8OG C8    N7     sing N N 26  
8OG C8    O8     doub N N 27  
8OG N7    C5     sing N N 28  
8OG N7    H7     sing N N 29  
8OG C5    C6     sing N N 30  
8OG C5    C4     doub N N 31  
8OG C6    O6     doub N N 32  
8OG C6    N1     sing N N 33  
8OG N1    C2     sing N N 34  
8OG N1    H1     sing N N 35  
8OG C2    N2     sing N N 36  
8OG C2    N3     doub N N 37  
8OG N2    H21    sing N N 38  
8OG N2    H22    sing N N 39  
8OG N3    C4     sing N N 40  
DA  OP3   P      sing N N 41  
DA  OP3   HOP3   sing N N 42  
DA  P     OP1    doub N N 43  
DA  P     OP2    sing N N 44  
DA  P     "O5'"  sing N N 45  
DA  OP2   HOP2   sing N N 46  
DA  "O5'" "C5'"  sing N N 47  
DA  "C5'" "C4'"  sing N N 48  
DA  "C5'" "H5'"  sing N N 49  
DA  "C5'" "H5''" sing N N 50  
DA  "C4'" "O4'"  sing N N 51  
DA  "C4'" "C3'"  sing N N 52  
DA  "C4'" "H4'"  sing N N 53  
DA  "O4'" "C1'"  sing N N 54  
DA  "C3'" "O3'"  sing N N 55  
DA  "C3'" "C2'"  sing N N 56  
DA  "C3'" "H3'"  sing N N 57  
DA  "O3'" "HO3'" sing N N 58  
DA  "C2'" "C1'"  sing N N 59  
DA  "C2'" "H2'"  sing N N 60  
DA  "C2'" "H2''" sing N N 61  
DA  "C1'" N9     sing N N 62  
DA  "C1'" "H1'"  sing N N 63  
DA  N9    C8     sing Y N 64  
DA  N9    C4     sing Y N 65  
DA  C8    N7     doub Y N 66  
DA  C8    H8     sing N N 67  
DA  N7    C5     sing Y N 68  
DA  C5    C6     sing Y N 69  
DA  C5    C4     doub Y N 70  
DA  C6    N6     sing N N 71  
DA  C6    N1     doub Y N 72  
DA  N6    H61    sing N N 73  
DA  N6    H62    sing N N 74  
DA  N1    C2     sing Y N 75  
DA  C2    N3     doub Y N 76  
DA  C2    H2     sing N N 77  
DA  N3    C4     sing Y N 78  
DC  OP3   P      sing N N 79  
DC  OP3   HOP3   sing N N 80  
DC  P     OP1    doub N N 81  
DC  P     OP2    sing N N 82  
DC  P     "O5'"  sing N N 83  
DC  OP2   HOP2   sing N N 84  
DC  "O5'" "C5'"  sing N N 85  
DC  "C5'" "C4'"  sing N N 86  
DC  "C5'" "H5'"  sing N N 87  
DC  "C5'" "H5''" sing N N 88  
DC  "C4'" "O4'"  sing N N 89  
DC  "C4'" "C3'"  sing N N 90  
DC  "C4'" "H4'"  sing N N 91  
DC  "O4'" "C1'"  sing N N 92  
DC  "C3'" "O3'"  sing N N 93  
DC  "C3'" "C2'"  sing N N 94  
DC  "C3'" "H3'"  sing N N 95  
DC  "O3'" "HO3'" sing N N 96  
DC  "C2'" "C1'"  sing N N 97  
DC  "C2'" "H2'"  sing N N 98  
DC  "C2'" "H2''" sing N N 99  
DC  "C1'" N1     sing N N 100 
DC  "C1'" "H1'"  sing N N 101 
DC  N1    C2     sing N N 102 
DC  N1    C6     sing N N 103 
DC  C2    O2     doub N N 104 
DC  C2    N3     sing N N 105 
DC  N3    C4     doub N N 106 
DC  C4    N4     sing N N 107 
DC  C4    C5     sing N N 108 
DC  N4    H41    sing N N 109 
DC  N4    H42    sing N N 110 
DC  C5    C6     doub N N 111 
DC  C5    H5     sing N N 112 
DC  C6    H6     sing N N 113 
DG  OP3   P      sing N N 114 
DG  OP3   HOP3   sing N N 115 
DG  P     OP1    doub N N 116 
DG  P     OP2    sing N N 117 
DG  P     "O5'"  sing N N 118 
DG  OP2   HOP2   sing N N 119 
DG  "O5'" "C5'"  sing N N 120 
DG  "C5'" "C4'"  sing N N 121 
DG  "C5'" "H5'"  sing N N 122 
DG  "C5'" "H5''" sing N N 123 
DG  "C4'" "O4'"  sing N N 124 
DG  "C4'" "C3'"  sing N N 125 
DG  "C4'" "H4'"  sing N N 126 
DG  "O4'" "C1'"  sing N N 127 
DG  "C3'" "O3'"  sing N N 128 
DG  "C3'" "C2'"  sing N N 129 
DG  "C3'" "H3'"  sing N N 130 
DG  "O3'" "HO3'" sing N N 131 
DG  "C2'" "C1'"  sing N N 132 
DG  "C2'" "H2'"  sing N N 133 
DG  "C2'" "H2''" sing N N 134 
DG  "C1'" N9     sing N N 135 
DG  "C1'" "H1'"  sing N N 136 
DG  N9    C8     sing Y N 137 
DG  N9    C4     sing Y N 138 
DG  C8    N7     doub Y N 139 
DG  C8    H8     sing N N 140 
DG  N7    C5     sing Y N 141 
DG  C5    C6     sing N N 142 
DG  C5    C4     doub Y N 143 
DG  C6    O6     doub N N 144 
DG  C6    N1     sing N N 145 
DG  N1    C2     sing N N 146 
DG  N1    H1     sing N N 147 
DG  C2    N2     sing N N 148 
DG  C2    N3     doub N N 149 
DG  N2    H21    sing N N 150 
DG  N2    H22    sing N N 151 
DG  N3    C4     sing N N 152 
DT  OP3   P      sing N N 153 
DT  OP3   HOP3   sing N N 154 
DT  P     OP1    doub N N 155 
DT  P     OP2    sing N N 156 
DT  P     "O5'"  sing N N 157 
DT  OP2   HOP2   sing N N 158 
DT  "O5'" "C5'"  sing N N 159 
DT  "C5'" "C4'"  sing N N 160 
DT  "C5'" "H5'"  sing N N 161 
DT  "C5'" "H5''" sing N N 162 
DT  "C4'" "O4'"  sing N N 163 
DT  "C4'" "C3'"  sing N N 164 
DT  "C4'" "H4'"  sing N N 165 
DT  "O4'" "C1'"  sing N N 166 
DT  "C3'" "O3'"  sing N N 167 
DT  "C3'" "C2'"  sing N N 168 
DT  "C3'" "H3'"  sing N N 169 
DT  "O3'" "HO3'" sing N N 170 
DT  "C2'" "C1'"  sing N N 171 
DT  "C2'" "H2'"  sing N N 172 
DT  "C2'" "H2''" sing N N 173 
DT  "C1'" N1     sing N N 174 
DT  "C1'" "H1'"  sing N N 175 
DT  N1    C2     sing N N 176 
DT  N1    C6     sing N N 177 
DT  C2    O2     doub N N 178 
DT  C2    N3     sing N N 179 
DT  N3    C4     sing N N 180 
DT  N3    H3     sing N N 181 
DT  C4    O4     doub N N 182 
DT  C4    C5     sing N N 183 
DT  C5    C7     sing N N 184 
DT  C5    C6     doub N N 185 
DT  C7    H71    sing N N 186 
DT  C7    H72    sing N N 187 
DT  C7    H73    sing N N 188 
DT  C6    H6     sing N N 189 
HOH O     H1     sing N N 190 
HOH O     H2     sing N N 191 
# 
_ndb_struct_conf_na.entry_id   183D 
_ndb_struct_conf_na.feature    'b-form double helix' 
# 
loop_
_ndb_struct_na_base_pair.model_number 
_ndb_struct_na_base_pair.i_label_asym_id 
_ndb_struct_na_base_pair.i_label_comp_id 
_ndb_struct_na_base_pair.i_label_seq_id 
_ndb_struct_na_base_pair.i_symmetry 
_ndb_struct_na_base_pair.j_label_asym_id 
_ndb_struct_na_base_pair.j_label_comp_id 
_ndb_struct_na_base_pair.j_label_seq_id 
_ndb_struct_na_base_pair.j_symmetry 
_ndb_struct_na_base_pair.shear 
_ndb_struct_na_base_pair.stretch 
_ndb_struct_na_base_pair.stagger 
_ndb_struct_na_base_pair.buckle 
_ndb_struct_na_base_pair.propeller 
_ndb_struct_na_base_pair.opening 
_ndb_struct_na_base_pair.pair_number 
_ndb_struct_na_base_pair.pair_name 
_ndb_struct_na_base_pair.i_auth_asym_id 
_ndb_struct_na_base_pair.i_auth_seq_id 
_ndb_struct_na_base_pair.i_PDB_ins_code 
_ndb_struct_na_base_pair.j_auth_asym_id 
_ndb_struct_na_base_pair.j_auth_seq_id 
_ndb_struct_na_base_pair.j_PDB_ins_code 
_ndb_struct_na_base_pair.hbond_type_28 
_ndb_struct_na_base_pair.hbond_type_12 
1 A DC  1  1_555 A DG  10 2_555 0.084  -0.120 0.280  -5.284 -10.523 -1.087 1  A_DC1:DG10_A A 1  ? A 10 ? 19 1 
1 A DC  2  1_555 A DG  9  2_555 0.315  -0.184 -0.057 -0.577 -10.021 -1.708 2  A_DC2:DG9_A  A 2  ? A 9  ? 19 1 
1 A DA  3  1_555 A DT  8  2_555 -0.002 -0.184 0.209  0.883  -7.569  1.143  3  A_DA3:DT8_A  A 3  ? A 8  ? 20 1 
1 A 8OG 4  1_555 A DC  7  2_555 -0.014 -0.125 0.467  2.461  -6.679  -3.930 4  A_8OG4:DC7_A A 4  ? A 7  ? 19 1 
1 A DC  5  1_555 A DG  6  2_555 -0.009 -0.048 -0.094 2.715  -8.767  -1.614 5  A_DC5:DG6_A  A 5  ? A 6  ? 19 1 
1 A DG  6  1_555 A DC  5  2_555 0.009  -0.048 -0.094 -2.715 -8.767  -1.614 6  A_DG6:DC5_A  A 6  ? A 5  ? 19 1 
1 A DC  7  1_555 A 8OG 4  2_555 0.014  -0.125 0.467  -2.462 -6.679  -3.930 7  A_DC7:8OG4_A A 7  ? A 4  ? 19 1 
1 A DT  8  1_555 A DA  3  2_555 0.002  -0.184 0.209  -0.883 -7.569  1.143  8  A_DT8:DA3_A  A 8  ? A 3  ? 20 1 
1 A DG  9  1_555 A DC  2  2_555 -0.315 -0.184 -0.057 0.577  -10.021 -1.708 9  A_DG9:DC2_A  A 9  ? A 2  ? 19 1 
1 A DG  10 1_555 A DC  1  2_555 -0.084 -0.120 0.280  5.284  -10.523 -1.087 10 A_DG10:DC1_A A 10 ? A 1  ? 19 1 
# 
loop_
_ndb_struct_na_base_pair_step.model_number 
_ndb_struct_na_base_pair_step.i_label_asym_id_1 
_ndb_struct_na_base_pair_step.i_label_comp_id_1 
_ndb_struct_na_base_pair_step.i_label_seq_id_1 
_ndb_struct_na_base_pair_step.i_symmetry_1 
_ndb_struct_na_base_pair_step.j_label_asym_id_1 
_ndb_struct_na_base_pair_step.j_label_comp_id_1 
_ndb_struct_na_base_pair_step.j_label_seq_id_1 
_ndb_struct_na_base_pair_step.j_symmetry_1 
_ndb_struct_na_base_pair_step.i_label_asym_id_2 
_ndb_struct_na_base_pair_step.i_label_comp_id_2 
_ndb_struct_na_base_pair_step.i_label_seq_id_2 
_ndb_struct_na_base_pair_step.i_symmetry_2 
_ndb_struct_na_base_pair_step.j_label_asym_id_2 
_ndb_struct_na_base_pair_step.j_label_comp_id_2 
_ndb_struct_na_base_pair_step.j_label_seq_id_2 
_ndb_struct_na_base_pair_step.j_symmetry_2 
_ndb_struct_na_base_pair_step.shift 
_ndb_struct_na_base_pair_step.slide 
_ndb_struct_na_base_pair_step.rise 
_ndb_struct_na_base_pair_step.tilt 
_ndb_struct_na_base_pair_step.roll 
_ndb_struct_na_base_pair_step.twist 
_ndb_struct_na_base_pair_step.x_displacement 
_ndb_struct_na_base_pair_step.y_displacement 
_ndb_struct_na_base_pair_step.helical_rise 
_ndb_struct_na_base_pair_step.inclination 
_ndb_struct_na_base_pair_step.tip 
_ndb_struct_na_base_pair_step.helical_twist 
_ndb_struct_na_base_pair_step.step_number 
_ndb_struct_na_base_pair_step.step_name 
_ndb_struct_na_base_pair_step.i_auth_asym_id_1 
_ndb_struct_na_base_pair_step.i_auth_seq_id_1 
_ndb_struct_na_base_pair_step.i_PDB_ins_code_1 
_ndb_struct_na_base_pair_step.j_auth_asym_id_1 
_ndb_struct_na_base_pair_step.j_auth_seq_id_1 
_ndb_struct_na_base_pair_step.j_PDB_ins_code_1 
_ndb_struct_na_base_pair_step.i_auth_asym_id_2 
_ndb_struct_na_base_pair_step.i_auth_seq_id_2 
_ndb_struct_na_base_pair_step.i_PDB_ins_code_2 
_ndb_struct_na_base_pair_step.j_auth_asym_id_2 
_ndb_struct_na_base_pair_step.j_auth_seq_id_2 
_ndb_struct_na_base_pair_step.j_PDB_ins_code_2 
1 A DC  1 1_555 A DG  10 2_555 A DC  2  1_555 A DG  9 2_555 -0.451 0.653 3.276 4.624  6.526  29.411 -0.077 1.794  3.236 12.563 
-8.903 30.456 1 AA_DC1DC2:DG9DG10_AA A 1 ? A 10 ? A 2  ? A 9 ? 
1 A DC  2 1_555 A DG  9  2_555 A DA  3  1_555 A DT  8 2_555 0.170  2.806 3.265 -1.613 -7.518 49.505 3.825  -0.310 2.831 -8.916 
1.913  50.062 2 AA_DC2DA3:DT8DG9_AA  A 2 ? A 9  ? A 3  ? A 8 ? 
1 A DA  3 1_555 A DT  8  2_555 A 8OG 4  1_555 A DC  7 2_555 0.551  0.515 3.383 -3.620 8.430  22.911 -1.504 -2.455 3.241 20.213 
8.681  24.657 3 AA_DA38OG4:DC7DT8_AA A 3 ? A 8  ? A 4  ? A 7 ? 
1 A 8OG 4 1_555 A DC  7  2_555 A DC  5  1_555 A DG  6 2_555 -0.233 0.369 3.407 5.129  -1.195 37.040 0.738  1.062  3.333 -1.869 
-8.024 37.399 4 AA_8OG4DC5:DG6DC7_AA A 4 ? A 7  ? A 5  ? A 6 ? 
1 A DC  5 1_555 A DG  6  2_555 A DG  6  1_555 A DC  5 2_555 0.000  0.293 3.512 0.000  6.976  42.440 -0.347 0.000  3.515 9.559  
0.000  42.983 5 AA_DC5DG6:DC5DG6_AA  A 5 ? A 6  ? A 6  ? A 5 ? 
1 A DG  6 1_555 A DC  5  2_555 A DC  7  1_555 A 8OG 4 2_555 0.233  0.369 3.407 -5.129 -1.195 37.040 0.738  -1.062 3.333 -1.869 
8.024  37.399 6 AA_DG6DC7:8OG4DC5_AA A 6 ? A 5  ? A 7  ? A 4 ? 
1 A DC  7 1_555 A 8OG 4  2_555 A DT  8  1_555 A DA  3 2_555 -0.551 0.515 3.383 3.620  8.430  22.911 -1.504 2.455  3.241 20.213 
-8.681 24.657 7 AA_DC7DT8:DA38OG4_AA A 7 ? A 4  ? A 8  ? A 3 ? 
1 A DT  8 1_555 A DA  3  2_555 A DG  9  1_555 A DC  2 2_555 -0.170 2.806 3.265 1.613  -7.518 49.505 3.825  0.310  2.831 -8.915 
-1.913 50.062 8 AA_DT8DG9:DC2DA3_AA  A 8 ? A 3  ? A 9  ? A 2 ? 
1 A DG  9 1_555 A DC  2  2_555 A DG  10 1_555 A DC  1 2_555 0.451  0.653 3.276 -4.624 6.526  29.411 -0.077 -1.794 3.236 12.563 
8.903  30.456 9 AA_DG9DG10:DC1DC2_AA A 9 ? A 2  ? A 10 ? A 1 ? 
# 
_atom_sites.entry_id                    183D 
_atom_sites.fract_transf_matrix[1][1]   -0.03435290 
_atom_sites.fract_transf_matrix[1][2]   -0.00188099 
_atom_sites.fract_transf_matrix[1][3]   -0.00070009 
_atom_sites.fract_transf_matrix[2][1]   -0.00207628 
_atom_sites.fract_transf_matrix[2][2]   0.03896730 
_atom_sites.fract_transf_matrix[2][3]   -0.00281527 
_atom_sites.fract_transf_matrix[3][1]   -0.01318831 
_atom_sites.fract_transf_matrix[3][2]   -0.00279877 
_atom_sites.fract_transf_matrix[3][3]   -0.02901247 
_atom_sites.fract_transf_vector[1]      -0.003542 
_atom_sites.fract_transf_vector[2]      0.001101 
_atom_sites.fract_transf_vector[3]      0.004661 
# 
loop_
_atom_type.symbol 
C 
H 
N 
O 
P 
# 
loop_
_atom_site.group_PDB 
_atom_site.id 
_atom_site.type_symbol 
_atom_site.label_atom_id 
_atom_site.label_alt_id 
_atom_site.label_comp_id 
_atom_site.label_asym_id 
_atom_site.label_entity_id 
_atom_site.label_seq_id 
_atom_site.pdbx_PDB_ins_code 
_atom_site.Cartn_x 
_atom_site.Cartn_y 
_atom_site.Cartn_z 
_atom_site.occupancy 
_atom_site.B_iso_or_equiv 
_atom_site.pdbx_formal_charge 
_atom_site.auth_seq_id 
_atom_site.auth_comp_id 
_atom_site.auth_asym_id 
_atom_site.auth_atom_id 
_atom_site.pdbx_PDB_model_num 
ATOM   1   O "O5'" . DC  A 1 1  ? 7.818   0.976   -16.131 1.00 20.21 ? 1  DC  A "O5'" 1 
ATOM   2   C "C5'" . DC  A 1 1  ? 7.274   1.875   -17.127 1.00 13.83 ? 1  DC  A "C5'" 1 
ATOM   3   C "C4'" . DC  A 1 1  ? 5.839   2.368   -16.785 1.00 12.63 ? 1  DC  A "C4'" 1 
ATOM   4   O "O4'" . DC  A 1 1  ? 4.924   1.265   -16.803 1.00 12.57 ? 1  DC  A "O4'" 1 
ATOM   5   C "C3'" . DC  A 1 1  ? 5.680   3.014   -15.390 1.00 12.96 ? 1  DC  A "C3'" 1 
ATOM   6   O "O3'" . DC  A 1 1  ? 5.092   4.304   -15.572 1.00 11.84 ? 1  DC  A "O3'" 1 
ATOM   7   C "C2'" . DC  A 1 1  ? 4.769   2.090   -14.601 1.00 12.35 ? 1  DC  A "C2'" 1 
ATOM   8   C "C1'" . DC  A 1 1  ? 4.033   1.307   -15.683 1.00 11.09 ? 1  DC  A "C1'" 1 
ATOM   9   N N1    . DC  A 1 1  ? 3.716   -0.096  -15.334 1.00 9.22  ? 1  DC  A N1    1 
ATOM   10  C C2    . DC  A 1 1  ? 2.377   -0.456  -15.336 1.00 6.69  ? 1  DC  A C2    1 
ATOM   11  O O2    . DC  A 1 1  ? 1.512   0.385   -15.526 1.00 9.22  ? 1  DC  A O2    1 
ATOM   12  N N3    . DC  A 1 1  ? 2.049   -1.762  -15.153 1.00 5.44  ? 1  DC  A N3    1 
ATOM   13  C C4    . DC  A 1 1  ? 3.000   -2.662  -14.976 1.00 3.66  ? 1  DC  A C4    1 
ATOM   14  N N4    . DC  A 1 1  ? 2.627   -3.896  -14.847 1.00 3.48  ? 1  DC  A N4    1 
ATOM   15  C C5    . DC  A 1 1  ? 4.376   -2.329  -14.960 1.00 5.68  ? 1  DC  A C5    1 
ATOM   16  C C6    . DC  A 1 1  ? 4.699   -1.035  -15.145 1.00 6.15  ? 1  DC  A C6    1 
ATOM   17  P P     . DC  A 1 2  ? 5.281   5.405   -14.448 1.00 10.38 ? 2  DC  A P     1 
ATOM   18  O OP1   . DC  A 1 2  ? 5.244   6.709   -15.132 1.00 13.15 ? 2  DC  A OP1   1 
ATOM   19  O OP2   . DC  A 1 2  ? 6.435   5.045   -13.581 1.00 11.07 ? 2  DC  A OP2   1 
ATOM   20  O "O5'" . DC  A 1 2  ? 3.924   5.259   -13.601 1.00 10.01 ? 2  DC  A "O5'" 1 
ATOM   21  C "C5'" . DC  A 1 2  ? 2.633   5.583   -14.169 1.00 8.16  ? 2  DC  A "C5'" 1 
ATOM   22  C "C4'" . DC  A 1 2  ? 1.498   5.174   -13.230 1.00 8.43  ? 2  DC  A "C4'" 1 
ATOM   23  O "O4'" . DC  A 1 2  ? 1.436   3.735   -13.174 1.00 9.25  ? 2  DC  A "O4'" 1 
ATOM   24  C "C3'" . DC  A 1 2  ? 1.761   5.672   -11.791 1.00 9.81  ? 2  DC  A "C3'" 1 
ATOM   25  O "O3'" . DC  A 1 2  ? 0.536   6.028   -11.141 1.00 10.87 ? 2  DC  A "O3'" 1 
ATOM   26  C "C2'" . DC  A 1 2  ? 2.323   4.450   -11.115 1.00 7.56  ? 2  DC  A "C2'" 1 
ATOM   27  C "C1'" . DC  A 1 2  ? 1.531   3.351   -11.773 1.00 8.14  ? 2  DC  A "C1'" 1 
ATOM   28  N N1    . DC  A 1 2  ? 1.972   1.941   -11.594 1.00 6.43  ? 2  DC  A N1    1 
ATOM   29  C C2    . DC  A 1 2  ? 0.986   0.965   -11.733 1.00 6.85  ? 2  DC  A C2    1 
ATOM   30  O O2    . DC  A 1 2  ? -0.211  1.269   -11.840 1.00 9.47  ? 2  DC  A O2    1 
ATOM   31  N N3    . DC  A 1 2  ? 1.354   -0.356  -11.736 1.00 6.77  ? 2  DC  A N3    1 
ATOM   32  C C4    . DC  A 1 2  ? 2.640   -0.716  -11.612 1.00 4.92  ? 2  DC  A C4    1 
ATOM   33  N N4    . DC  A 1 2  ? 2.904   -1.998  -11.627 1.00 6.22  ? 2  DC  A N4    1 
ATOM   34  C C5    . DC  A 1 2  ? 3.686   0.264   -11.459 1.00 4.90  ? 2  DC  A C5    1 
ATOM   35  C C6    . DC  A 1 2  ? 3.291   1.559   -11.457 1.00 6.72  ? 2  DC  A C6    1 
ATOM   36  P P     . DA  A 1 3  ? 0.196   7.559   -10.925 1.00 12.54 ? 3  DA  A P     1 
ATOM   37  O OP1   . DA  A 1 3  ? 0.337   8.337   -12.128 1.00 16.11 ? 3  DA  A OP1   1 
ATOM   38  O OP2   . DA  A 1 3  ? 0.898   7.976   -9.700  1.00 13.99 ? 3  DA  A OP2   1 
ATOM   39  O "O5'" . DA  A 1 3  ? -1.398  7.444   -10.685 1.00 12.56 ? 3  DA  A "O5'" 1 
ATOM   40  C "C5'" . DA  A 1 3  ? -2.340  7.023   -11.638 1.00 10.87 ? 3  DA  A "C5'" 1 
ATOM   41  C "C4'" . DA  A 1 3  ? -3.370  6.080   -11.042 1.00 9.56  ? 3  DA  A "C4'" 1 
ATOM   42  O "O4'" . DA  A 1 3  ? -2.825  4.825   -10.547 1.00 8.88  ? 3  DA  A "O4'" 1 
ATOM   43  C "C3'" . DA  A 1 3  ? -4.018  6.777   -9.841  1.00 12.05 ? 3  DA  A "C3'" 1 
ATOM   44  O "O3'" . DA  A 1 3  ? -5.443  6.525   -9.851  1.00 13.95 ? 3  DA  A "O3'" 1 
ATOM   45  C "C2'" . DA  A 1 3  ? -3.292  6.085   -8.624  1.00 10.00 ? 3  DA  A "C2'" 1 
ATOM   46  C "C1'" . DA  A 1 3  ? -2.917  4.716   -9.125  1.00 8.66  ? 3  DA  A "C1'" 1 
ATOM   47  N N9    . DA  A 1 3  ? -1.672  4.201   -8.581  1.00 5.98  ? 3  DA  A N9    1 
ATOM   48  C C8    . DA  A 1 3  ? -0.515  4.856   -8.261  1.00 5.63  ? 3  DA  A C8    1 
ATOM   49  N N7    . DA  A 1 3  ? 0.538   4.106   -8.072  1.00 6.50  ? 3  DA  A N7    1 
ATOM   50  C C5    . DA  A 1 3  ? 0.013   2.846   -8.287  1.00 6.79  ? 3  DA  A C5    1 
ATOM   51  C C6    . DA  A 1 3  ? 0.593   1.576   -8.215  1.00 6.36  ? 3  DA  A C6    1 
ATOM   52  N N6    . DA  A 1 3  ? 1.877   1.392   -7.938  1.00 6.56  ? 3  DA  A N6    1 
ATOM   53  N N1    . DA  A 1 3  ? -0.210  0.534   -8.446  1.00 6.29  ? 3  DA  A N1    1 
ATOM   54  C C2    . DA  A 1 3  ? -1.474  0.721   -8.729  1.00 4.74  ? 3  DA  A C2    1 
ATOM   55  N N3    . DA  A 1 3  ? -2.133  1.832   -8.833  1.00 5.36  ? 3  DA  A N3    1 
ATOM   56  C C4    . DA  A 1 3  ? -1.315  2.887   -8.593  1.00 6.60  ? 3  DA  A C4    1 
HETATM 57  P P     . 8OG A 1 4  ? -6.523  7.056   -8.759  1.00 11.03 ? 4  8OG A P     1 
HETATM 58  O OP1   . 8OG A 1 4  ? -7.751  6.857   -9.531  1.00 14.92 ? 4  8OG A OP1   1 
HETATM 59  O OP2   . 8OG A 1 4  ? -6.136  8.375   -8.214  1.00 11.67 ? 4  8OG A OP2   1 
HETATM 60  O "O5'" . 8OG A 1 4  ? -6.448  5.982   -7.634  1.00 15.51 ? 4  8OG A "O5'" 1 
HETATM 61  C "C5'" . 8OG A 1 4  ? -6.921  4.631   -7.764  1.00 18.14 ? 4  8OG A "C5'" 1 
HETATM 62  C "C4'" . 8OG A 1 4  ? -6.500  3.765   -6.521  1.00 21.27 ? 4  8OG A "C4'" 1 
HETATM 63  O "O4'" . 8OG A 1 4  ? -5.113  3.316   -6.461  1.00 20.42 ? 4  8OG A "O4'" 1 
HETATM 64  C "C3'" . 8OG A 1 4  ? -6.728  4.577   -5.217  1.00 21.93 ? 4  8OG A "C3'" 1 
HETATM 65  O "O3'" . 8OG A 1 4  ? -7.317  3.784   -4.228  1.00 25.63 ? 4  8OG A "O3'" 1 
HETATM 66  C "C2'" . 8OG A 1 4  ? -5.380  4.869   -4.588  1.00 21.25 ? 4  8OG A "C2'" 1 
HETATM 67  C "C1'" . 8OG A 1 4  ? -4.439  4.063   -5.415  1.00 18.95 ? 4  8OG A "C1'" 1 
HETATM 68  N N9    . 8OG A 1 4  ? -3.019  4.064   -5.217  1.00 3.13  ? 4  8OG A N9    1 
HETATM 69  C C8    . 8OG A 1 4  ? -2.161  5.164   -5.210  1.00 10.88 ? 4  8OG A C8    1 
HETATM 70  N N7    . 8OG A 1 4  ? -0.899  4.746   -5.038  1.00 12.32 ? 4  8OG A N7    1 
HETATM 71  C C5    . 8OG A 1 4  ? -1.008  3.370   -4.939  1.00 9.66  ? 4  8OG A C5    1 
HETATM 72  C C6    . 8OG A 1 4  ? 0.034   2.374   -4.869  1.00 7.16  ? 4  8OG A C6    1 
HETATM 73  O O6    . 8OG A 1 4  ? 1.237   2.552   -4.819  1.00 10.14 ? 4  8OG A O6    1 
HETATM 74  N N1    . 8OG A 1 4  ? -0.411  1.074   -4.908  1.00 6.49  ? 4  8OG A N1    1 
HETATM 75  C C2    . 8OG A 1 4  ? -1.705  0.748   -5.013  1.00 6.85  ? 4  8OG A C2    1 
HETATM 76  N N2    . 8OG A 1 4  ? -1.924  -0.527  -5.043  1.00 7.72  ? 4  8OG A N2    1 
HETATM 77  N N3    . 8OG A 1 4  ? -2.703  1.645   -5.089  1.00 7.31  ? 4  8OG A N3    1 
HETATM 78  C C4    . 8OG A 1 4  ? -2.293  2.945   -5.044  1.00 9.13  ? 4  8OG A C4    1 
HETATM 79  O O8    . 8OG A 1 4  ? -2.547  6.333   -5.031  1.00 21.70 ? 4  8OG A O8    1 
ATOM   80  P P     . DC  A 1 5  ? -8.646  4.197   -3.497  1.00 25.52 ? 5  DC  A P     1 
ATOM   81  O OP1   . DC  A 1 5  ? -9.696  4.575   -4.459  1.00 25.43 ? 5  DC  A OP1   1 
ATOM   82  O OP2   . DC  A 1 5  ? -8.266  5.130   -2.369  1.00 26.33 ? 5  DC  A OP2   1 
ATOM   83  O "O5'" . DC  A 1 5  ? -8.865  2.670   -3.053  1.00 26.05 ? 5  DC  A "O5'" 1 
ATOM   84  C "C5'" . DC  A 1 5  ? -8.813  1.452   -3.818  1.00 23.98 ? 5  DC  A "C5'" 1 
ATOM   85  C "C4'" . DC  A 1 5  ? -7.926  0.409   -3.086  1.00 22.36 ? 5  DC  A "C4'" 1 
ATOM   86  O "O4'" . DC  A 1 5  ? -6.496  0.752   -3.073  1.00 20.31 ? 5  DC  A "O4'" 1 
ATOM   87  C "C3'" . DC  A 1 5  ? -8.267  0.296   -1.573  1.00 24.03 ? 5  DC  A "C3'" 1 
ATOM   88  O "O3'" . DC  A 1 5  ? -8.350  -1.112  -1.310  1.00 27.73 ? 5  DC  A "O3'" 1 
ATOM   89  C "C2'" . DC  A 1 5  ? -7.051  0.899   -0.856  1.00 21.11 ? 5  DC  A "C2'" 1 
ATOM   90  C "C1'" . DC  A 1 5  ? -5.902  0.558   -1.782  1.00 17.77 ? 5  DC  A "C1'" 1 
ATOM   91  N N1    . DC  A 1 5  ? -4.702  1.429   -1.654  1.00 16.18 ? 5  DC  A N1    1 
ATOM   92  C C2    . DC  A 1 5  ? -3.469  0.804   -1.700  1.00 13.79 ? 5  DC  A C2    1 
ATOM   93  O O2    . DC  A 1 5  ? -3.325  -0.413  -1.775  1.00 15.86 ? 5  DC  A O2    1 
ATOM   94  N N3    . DC  A 1 5  ? -2.375  1.553   -1.649  1.00 11.73 ? 5  DC  A N3    1 
ATOM   95  C C4    . DC  A 1 5  ? -2.455  2.876   -1.560  1.00 11.99 ? 5  DC  A C4    1 
ATOM   96  N N4    . DC  A 1 5  ? -1.318  3.553   -1.553  1.00 10.88 ? 5  DC  A N4    1 
ATOM   97  C C5    . DC  A 1 5  ? -3.713  3.556   -1.509  1.00 12.61 ? 5  DC  A C5    1 
ATOM   98  C C6    . DC  A 1 5  ? -4.804  2.789   -1.558  1.00 13.46 ? 5  DC  A C6    1 
ATOM   99  P P     . DG  A 1 6  ? -8.742  -1.868  0.052   1.00 26.13 ? 6  DG  A P     1 
ATOM   100 O OP1   . DG  A 1 6  ? -9.793  -2.834  -0.340  1.00 30.76 ? 6  DG  A OP1   1 
ATOM   101 O OP2   . DG  A 1 6  ? -8.982  -0.916  1.159   1.00 29.45 ? 6  DG  A OP2   1 
ATOM   102 O "O5'" . DG  A 1 6  ? -7.383  -2.672  0.343   1.00 27.57 ? 6  DG  A "O5'" 1 
ATOM   103 C "C5'" . DG  A 1 6  ? -6.740  -3.632  -0.534  1.00 25.99 ? 6  DG  A "C5'" 1 
ATOM   104 C "C4'" . DG  A 1 6  ? -5.444  -4.235  0.098   1.00 26.14 ? 6  DG  A "C4'" 1 
ATOM   105 O "O4'" . DG  A 1 6  ? -4.372  -3.280  0.258   1.00 25.69 ? 6  DG  A "O4'" 1 
ATOM   106 C "C3'" . DG  A 1 6  ? -5.797  -4.691  1.529   1.00 26.31 ? 6  DG  A "C3'" 1 
ATOM   107 O "O3'" . DG  A 1 6  ? -5.369  -6.036  1.866   1.00 27.63 ? 6  DG  A "O3'" 1 
ATOM   108 C "C2'" . DG  A 1 6  ? -5.256  -3.608  2.418   1.00 25.33 ? 6  DG  A "C2'" 1 
ATOM   109 C "C1'" . DG  A 1 6  ? -4.110  -3.028  1.655   1.00 22.90 ? 6  DG  A "C1'" 1 
ATOM   110 N N9    . DG  A 1 6  ? -3.955  -1.579  2.003   1.00 20.64 ? 6  DG  A N9    1 
ATOM   111 C C8    . DG  A 1 6  ? -4.878  -0.532  1.949   1.00 19.16 ? 6  DG  A C8    1 
ATOM   112 N N7    . DG  A 1 6  ? -4.315  0.666   1.888   1.00 18.45 ? 6  DG  A N7    1 
ATOM   113 C C5    . DG  A 1 6  ? -2.932  0.367   1.906   1.00 16.26 ? 6  DG  A C5    1 
ATOM   114 C C6    . DG  A 1 6  ? -1.802  1.204   1.844   1.00 14.17 ? 6  DG  A C6    1 
ATOM   115 O O6    . DG  A 1 6  ? -1.773  2.415   1.784   1.00 14.87 ? 6  DG  A O6    1 
ATOM   116 N N1    . DG  A 1 6  ? -0.605  0.515   1.863   1.00 13.47 ? 6  DG  A N1    1 
ATOM   117 C C2    . DG  A 1 6  ? -0.491  -0.838  1.936   1.00 13.26 ? 6  DG  A C2    1 
ATOM   118 N N2    . DG  A 1 6  ? 0.713   -1.346  1.940   1.00 14.61 ? 6  DG  A N2    1 
ATOM   119 N N3    . DG  A 1 6  ? -1.529  -1.653  1.999   1.00 15.12 ? 6  DG  A N3    1 
ATOM   120 C C4    . DG  A 1 6  ? -2.714  -0.978  1.975   1.00 17.40 ? 6  DG  A C4    1 
ATOM   121 P P     . DC  A 1 7  ? -5.581  -6.762  3.297   1.00 25.74 ? 7  DC  A P     1 
ATOM   122 O OP1   . DC  A 1 7  ? -5.651  -8.208  3.036   1.00 28.28 ? 7  DC  A OP1   1 
ATOM   123 O OP2   . DC  A 1 7  ? -6.560  -6.036  4.139   1.00 24.63 ? 7  DC  A OP2   1 
ATOM   124 O "O5'" . DC  A 1 7  ? -4.124  -6.495  3.966   1.00 24.87 ? 7  DC  A "O5'" 1 
ATOM   125 C "C5'" . DC  A 1 7  ? -2.868  -6.941  3.452   1.00 18.97 ? 7  DC  A "C5'" 1 
ATOM   126 C "C4'" . DC  A 1 7  ? -1.830  -6.178  4.158   1.00 16.57 ? 7  DC  A "C4'" 1 
ATOM   127 O "O4'" . DC  A 1 7  ? -2.063  -4.779  4.071   1.00 15.77 ? 7  DC  A "O4'" 1 
ATOM   128 C "C3'" . DC  A 1 7  ? -1.979  -6.447  5.655   1.00 15.93 ? 7  DC  A "C3'" 1 
ATOM   129 O "O3'" . DC  A 1 7  ? -0.972  -7.395  5.880   1.00 18.26 ? 7  DC  A "O3'" 1 
ATOM   130 C "C2'" . DC  A 1 7  ? -1.690  -5.128  6.370   1.00 14.49 ? 7  DC  A "C2'" 1 
ATOM   131 C "C1'" . DC  A 1 7  ? -1.469  -4.155  5.237   1.00 13.18 ? 7  DC  A "C1'" 1 
ATOM   132 N N1    . DC  A 1 7  ? -2.036  -2.821  5.513   1.00 10.80 ? 7  DC  A N1    1 
ATOM   133 C C2    . DC  A 1 7  ? -1.162  -1.748  5.514   1.00 9.71  ? 7  DC  A C2    1 
ATOM   134 O O2    . DC  A 1 7  ? 0.074   -1.875  5.528   1.00 11.15 ? 7  DC  A O2    1 
ATOM   135 N N3    . DC  A 1 7  ? -1.711  -0.514  5.497   1.00 8.09  ? 7  DC  A N3    1 
ATOM   136 C C4    . DC  A 1 7  ? -3.009  -0.324  5.474   1.00 5.08  ? 7  DC  A C4    1 
ATOM   137 N N4    . DC  A 1 7  ? -3.455  0.898   5.427   1.00 7.47  ? 7  DC  A N4    1 
ATOM   138 C C5    . DC  A 1 7  ? -3.909  -1.413  5.476   1.00 10.08 ? 7  DC  A C5    1 
ATOM   139 C C6    . DC  A 1 7  ? -3.366  -2.647  5.496   1.00 8.61  ? 7  DC  A C6    1 
ATOM   140 P P     . DT  A 1 8  ? -0.720  -8.188  7.212   1.00 15.92 ? 8  DT  A P     1 
ATOM   141 O OP1   . DT  A 1 8  ? 0.083   -9.315  6.787   1.00 20.36 ? 8  DT  A OP1   1 
ATOM   142 O OP2   . DT  A 1 8  ? -1.975  -8.451  7.946   1.00 19.31 ? 8  DT  A OP2   1 
ATOM   143 O "O5'" . DT  A 1 8  ? 0.167   -7.163  8.048   1.00 16.78 ? 8  DT  A "O5'" 1 
ATOM   144 C "C5'" . DT  A 1 8  ? 1.512   -6.730  7.679   1.00 12.55 ? 8  DT  A "C5'" 1 
ATOM   145 C "C4'" . DT  A 1 8  ? 2.095   -5.690  8.625   1.00 10.47 ? 8  DT  A "C4'" 1 
ATOM   146 O "O4'" . DT  A 1 8  ? 1.466   -4.426  8.452   1.00 9.65  ? 8  DT  A "O4'" 1 
ATOM   147 C "C3'" . DT  A 1 8  ? 1.925   -6.083  10.143  1.00 10.98 ? 8  DT  A "C3'" 1 
ATOM   148 O "O3'" . DT  A 1 8  ? 3.077   -5.767  10.920  1.00 10.31 ? 8  DT  A "O3'" 1 
ATOM   149 C "C2'" . DT  A 1 8  ? 0.775   -5.227  10.562  1.00 8.74  ? 8  DT  A "C2'" 1 
ATOM   150 C "C1'" . DT  A 1 8  ? 1.039   -3.993  9.724   1.00 8.32  ? 8  DT  A "C1'" 1 
ATOM   151 N N1    . DT  A 1 8  ? -0.064  -3.079  9.564   1.00 6.74  ? 8  DT  A N1    1 
ATOM   152 C C2    . DT  A 1 8  ? 0.250   -1.715  9.393   1.00 7.19  ? 8  DT  A C2    1 
ATOM   153 O O2    . DT  A 1 8  ? 1.374   -1.204  9.449   1.00 7.46  ? 8  DT  A O2    1 
ATOM   154 N N3    . DT  A 1 8  ? -0.826  -0.880  9.152   1.00 7.86  ? 8  DT  A N3    1 
ATOM   155 C C4    . DT  A 1 8  ? -2.123  -1.279  9.064   1.00 6.35  ? 8  DT  A C4    1 
ATOM   156 O O4    . DT  A 1 8  ? -2.955  -0.404  8.840   1.00 7.17  ? 8  DT  A O4    1 
ATOM   157 C C5    . DT  A 1 8  ? -2.361  -2.709  9.249   1.00 6.41  ? 8  DT  A C5    1 
ATOM   158 C C7    . DT  A 1 8  ? -3.774  -3.259  9.170   1.00 6.62  ? 8  DT  A C7    1 
ATOM   159 C C6    . DT  A 1 8  ? -1.358  -3.554  9.485   1.00 6.35  ? 8  DT  A C6    1 
ATOM   160 H H3    . DT  A 1 8  ? -0.636  0.097   8.985   1.00 0.00  ? 8  DT  A H3    1 
ATOM   161 P P     . DG  A 1 9  ? 4.230   -6.853  11.278  1.00 10.47 ? 9  DG  A P     1 
ATOM   162 O OP1   . DG  A 1 9  ? 4.585   -7.539  10.011  1.00 10.20 ? 9  DG  A OP1   1 
ATOM   163 O OP2   . DG  A 1 9  ? 3.884   -7.628  12.445  1.00 12.31 ? 9  DG  A OP2   1 
ATOM   164 O "O5'" . DG  A 1 9  ? 5.413   -5.900  11.699  1.00 7.67  ? 9  DG  A "O5'" 1 
ATOM   165 C "C5'" . DG  A 1 9  ? 6.123   -5.100  10.763  1.00 9.26  ? 9  DG  A "C5'" 1 
ATOM   166 C "C4'" . DG  A 1 9  ? 6.583   -3.740  11.318  1.00 8.49  ? 9  DG  A "C4'" 1 
ATOM   167 O "O4'" . DG  A 1 9  ? 5.513   -2.824  11.530  1.00 9.60  ? 9  DG  A "O4'" 1 
ATOM   168 C "C3'" . DG  A 1 9  ? 7.246   -3.911  12.631  1.00 10.40 ? 9  DG  A "C3'" 1 
ATOM   169 O "O3'" . DG  A 1 9  ? 8.355   -3.001  12.759  1.00 12.51 ? 9  DG  A "O3'" 1 
ATOM   170 C "C2'" . DG  A 1 9  ? 6.146   -3.563  13.665  1.00 11.09 ? 9  DG  A "C2'" 1 
ATOM   171 C "C1'" . DG  A 1 9  ? 5.253   -2.606  12.931  1.00 9.27  ? 9  DG  A "C1'" 1 
ATOM   172 N N9    . DG  A 1 9  ? 3.819   -2.791  13.180  1.00 7.71  ? 9  DG  A N9    1 
ATOM   173 C C8    . DG  A 1 9  ? 3.099   -3.900  13.562  1.00 8.44  ? 9  DG  A C8    1 
ATOM   174 N N7    . DG  A 1 9  ? 1.824   -3.743  13.485  1.00 5.90  ? 9  DG  A N7    1 
ATOM   175 C C5    . DG  A 1 9  ? 1.678   -2.458  13.021  1.00 6.92  ? 9  DG  A C5    1 
ATOM   176 C C6    . DG  A 1 9  ? 0.480   -1.697  12.833  1.00 6.36  ? 9  DG  A C6    1 
ATOM   177 O O6    . DG  A 1 9  ? -0.685  -2.045  12.937  1.00 7.09  ? 9  DG  A O6    1 
ATOM   178 N N1    . DG  A 1 9  ? 0.769   -0.392  12.492  1.00 7.74  ? 9  DG  A N1    1 
ATOM   179 C C2    . DG  A 1 9  ? 2.055   0.135   12.336  1.00 9.33  ? 9  DG  A C2    1 
ATOM   180 N N2    . DG  A 1 9  ? 2.158   1.419   11.988  1.00 9.07  ? 9  DG  A N2    1 
ATOM   181 N N3    . DG  A 1 9  ? 3.176   -0.573  12.498  1.00 6.06  ? 9  DG  A N3    1 
ATOM   182 C C4    . DG  A 1 9  ? 2.895   -1.862  12.839  1.00 6.76  ? 9  DG  A C4    1 
ATOM   183 P P     . DG  A 1 10 ? 9.361   -2.959  13.984  1.00 13.02 ? 10 DG  A P     1 
ATOM   184 O OP1   . DG  A 1 10 ? 10.570  -2.359  13.406  1.00 15.10 ? 10 DG  A OP1   1 
ATOM   185 O OP2   . DG  A 1 10 ? 9.364   -4.283  14.651  1.00 13.62 ? 10 DG  A OP2   1 
ATOM   186 O "O5'" . DG  A 1 10 ? 8.676   -1.852  14.927  1.00 12.85 ? 10 DG  A "O5'" 1 
ATOM   187 C "C5'" . DG  A 1 10 ? 8.657   -0.481  14.542  1.00 11.69 ? 10 DG  A "C5'" 1 
ATOM   188 C "C4'" . DG  A 1 10 ? 7.648   0.348   15.338  1.00 13.20 ? 10 DG  A "C4'" 1 
ATOM   189 O "O4'" . DG  A 1 10 ? 6.347   -0.183  15.184  1.00 12.15 ? 10 DG  A "O4'" 1 
ATOM   190 C "C3'" . DG  A 1 10 ? 8.017   0.341   16.815  1.00 12.72 ? 10 DG  A "C3'" 1 
ATOM   191 O "O3'" . DG  A 1 10 ? 8.605   1.622   17.189  1.00 14.33 ? 10 DG  A "O3'" 1 
ATOM   192 C "C2'" . DG  A 1 10 ? 6.681   0.006   17.437  1.00 10.86 ? 10 DG  A "C2'" 1 
ATOM   193 C "C1'" . DG  A 1 10 ? 5.662   0.144   16.340  1.00 9.11  ? 10 DG  A "C1'" 1 
ATOM   194 N N9    . DG  A 1 10 ? 4.545   -0.796  16.371  1.00 7.62  ? 10 DG  A N9    1 
ATOM   195 C C8    . DG  A 1 10 ? 4.521   -2.135  16.649  1.00 8.23  ? 10 DG  A C8    1 
ATOM   196 N N7    . DG  A 1 10 ? 3.370   -2.669  16.652  1.00 6.28  ? 10 DG  A N7    1 
ATOM   197 C C5    . DG  A 1 10 ? 2.521   -1.584  16.348  1.00 6.59  ? 10 DG  A C5    1 
ATOM   198 C C6    . DG  A 1 10 ? 1.078   -1.477  16.251  1.00 4.86  ? 10 DG  A C6    1 
ATOM   199 O O6    . DG  A 1 10 ? 0.209   -2.337  16.349  1.00 5.57  ? 10 DG  A O6    1 
ATOM   200 N N1    . DG  A 1 10 ? 0.676   -0.194  15.996  1.00 5.64  ? 10 DG  A N1    1 
ATOM   201 C C2    . DG  A 1 10 ? 1.515   0.889   15.842  1.00 4.58  ? 10 DG  A C2    1 
ATOM   202 N N2    . DG  A 1 10 ? 0.945   2.042   15.585  1.00 5.89  ? 10 DG  A N2    1 
ATOM   203 N N3    . DG  A 1 10 ? 2.836   0.830   15.925  1.00 6.37  ? 10 DG  A N3    1 
ATOM   204 C C4    . DG  A 1 10 ? 3.268   -0.435  16.177  1.00 5.70  ? 10 DG  A C4    1 
HETATM 205 O O     . HOH B 2 .  ? 3.164   6.685   -17.487 1.00 21.65 ? 11 HOH A O     1 
HETATM 206 O O     . HOH B 2 .  ? 4.368   2.804   14.371  1.00 20.17 ? 12 HOH A O     1 
HETATM 207 O O     . HOH B 2 .  ? 6.062   5.168   14.251  1.00 38.60 ? 13 HOH A O     1 
HETATM 208 O O     . HOH B 2 .  ? 5.076   -5.648  -14.419 1.00 13.33 ? 14 HOH A O     1 
HETATM 209 O O     . HOH B 2 .  ? 5.048   -5.600  -11.550 1.00 17.75 ? 15 HOH A O     1 
HETATM 210 O O     . HOH B 2 .  ? 5.931   -2.459  -11.247 1.00 16.87 ? 16 HOH A O     1 
HETATM 211 O O     . HOH B 2 .  ? -6.037  -0.116  9.428   1.00 31.81 ? 17 HOH A O     1 
HETATM 212 O O     . HOH B 2 .  ? 4.587   3.072   -6.874  1.00 35.57 ? 18 HOH A O     1 
HETATM 213 O O     . HOH B 2 .  ? 2.557   6.267   -7.363  1.00 41.33 ? 19 HOH A O     1 
HETATM 214 O O     . HOH B 2 .  ? -2.018  -4.579  13.032  1.00 14.61 ? 20 HOH A O     1 
HETATM 215 O O     . HOH B 2 .  ? -2.556  -6.702  10.189  1.00 16.93 ? 21 HOH A O     1 
HETATM 216 O O     . HOH B 2 .  ? -4.267  -7.905  17.404  1.00 27.51 ? 22 HOH A O     1 
HETATM 217 O O     . HOH B 2 .  ? 3.115   -7.970  -16.774 1.00 56.46 ? 23 HOH A O     1 
HETATM 218 O O     . HOH B 2 .  ? -10.198 -4.300  -2.954  1.00 43.92 ? 24 HOH A O     1 
HETATM 219 O O     . HOH B 2 .  ? -3.231  4.628   1.995   1.00 29.30 ? 25 HOH A O     1 
HETATM 220 O O     . HOH B 2 .  ? -6.432  -3.790  6.252   1.00 46.33 ? 26 HOH A O     1 
HETATM 221 O O     . HOH B 2 .  ? -5.280  7.046   3.089   1.00 32.06 ? 27 HOH A O     1 
HETATM 222 O O     . HOH B 2 .  ? -5.281  6.808   -0.417  1.00 45.36 ? 28 HOH A O     1 
HETATM 223 O O     . HOH B 2 .  ? 2.383   12.511  -14.778 1.00 54.63 ? 29 HOH A O     1 
HETATM 224 O O     . HOH B 2 .  ? 1.273   -12.755 11.745  1.00 35.31 ? 30 HOH A O     1 
HETATM 225 O O     . HOH B 2 .  ? 1.987   9.800   -14.004 1.00 29.74 ? 31 HOH A O     1 
HETATM 226 O O     . HOH B 2 .  ? -10.514 -1.674  -10.290 1.00 40.42 ? 32 HOH A O     1 
HETATM 227 O O     . HOH B 2 .  ? 12.519  -4.846  14.492  1.00 15.52 ? 33 HOH A O     1 
HETATM 228 O O     . HOH B 2 .  ? 1.425   3.657   -17.512 1.00 28.33 ? 34 HOH A O     1 
HETATM 229 O O     . HOH B 2 .  ? 16.607  1.943   7.017   1.00 64.39 ? 35 HOH A O     1 
HETATM 230 O O     . HOH B 2 .  ? 12.483  -0.550  14.197  1.00 34.04 ? 36 HOH A O     1 
HETATM 231 O O     . HOH B 2 .  ? 3.640   -10.229 8.859   1.00 30.38 ? 37 HOH A O     1 
HETATM 232 O O     . HOH B 2 .  ? 0.818   -9.692  11.422  1.00 34.11 ? 38 HOH A O     1 
HETATM 233 O O     . HOH B 2 .  ? -0.239  -5.739  14.726  1.00 36.53 ? 39 HOH A O     1 
HETATM 234 O O     . HOH B 2 .  ? -8.118  4.746   -11.908 1.00 23.65 ? 40 HOH A O     1 
HETATM 235 O O     . HOH B 2 .  ? 9.083   5.169   -13.343 1.00 17.81 ? 41 HOH A O     1 
HETATM 236 O O     . HOH B 2 .  ? 9.592   7.180   -11.521 1.00 32.32 ? 42 HOH A O     1 
HETATM 237 O O     . HOH B 2 .  ? 12.231  7.790   -10.804 1.00 37.71 ? 43 HOH A O     1 
HETATM 238 O O     . HOH B 2 .  ? -1.590  6.544   -1.167  1.00 41.59 ? 44 HOH A O     1 
HETATM 239 O O     . HOH B 2 .  ? -6.234  3.064   2.426   1.00 48.82 ? 45 HOH A O     1 
HETATM 240 O O     . HOH B 2 .  ? -4.654  -2.594  -4.495  1.00 33.48 ? 46 HOH A O     1 
HETATM 241 O O     . HOH B 2 .  ? -1.031  -7.392  12.443  1.00 21.04 ? 47 HOH A O     1 
HETATM 242 O O     . HOH B 2 .  ? 9.861   9.384   -16.007 1.00 18.60 ? 48 HOH A O     1 
HETATM 243 O O     . HOH B 2 .  ? 7.288   8.764   -14.228 1.00 31.19 ? 49 HOH A O     1 
HETATM 244 O O     . HOH B 2 .  ? -7.712  0.384   -6.980  1.00 28.86 ? 50 HOH A O     1 
HETATM 245 O O     . HOH B 2 .  ? 7.788   -3.515  -9.250  1.00 62.99 ? 51 HOH A O     1 
HETATM 246 O O     . HOH B 2 .  ? 0.045   -11.441 -13.323 1.00 68.93 ? 52 HOH A O     1 
# 
